data_4TKI
#
_entry.id   4TKI
#
_cell.length_a   74.010
_cell.length_b   79.470
_cell.length_c   153.290
_cell.angle_alpha   90.000
_cell.angle_beta   90.000
_cell.angle_gamma   90.000
#
_symmetry.space_group_name_H-M   'P 21 21 21'
#
loop_
_entity.id
_entity.type
_entity.pdbx_description
1 polymer Tankyrase-2
2 non-polymer 'ZINC ION'
3 non-polymer 4-iodo-3-nitrobenzamide
4 non-polymer 'ISOPROPYL ALCOHOL'
5 water water
#
_entity_poly.entity_id   1
_entity_poly.type   'polypeptide(L)'
_entity_poly.pdbx_seq_one_letter_code
;MGSSHHHHHHSSGRENLYFQGSPDDKEFQSVEEEMQSTVREHRDGGHAGGIFNRYNILKIQKVCNKKLWERYTHRRKEVS
EENHNHANERMLFHGSPFVNAIIHKGFDERHAYIGGMFGAGIYFAENSSKSNQYVYGIGGGTGCPVHKDRSCYICHRQLL
FCRVTLGKSFLQFSAMKMAHSPPGHHSVTGRPSVNGLALAEYVIYRGEQAYPEYLITYQIMRPEGMV
;
_entity_poly.pdbx_strand_id   A,B,C,D
#
loop_
_chem_comp.id
_chem_comp.type
_chem_comp.name
_chem_comp.formula
33E non-polymer 4-iodo-3-nitrobenzamide 'C7 H5 I N2 O3'
IPA non-polymer 'ISOPROPYL ALCOHOL' 'C3 H8 O'
ZN non-polymer 'ZINC ION' 'Zn 2'
#
# COMPACT_ATOMS: atom_id res chain seq x y z
N ASP A 25 46.50 5.89 -16.59
CA ASP A 25 47.96 5.84 -16.44
C ASP A 25 48.41 4.43 -15.95
N LYS A 26 49.09 4.34 -14.78
CA LYS A 26 49.50 3.06 -14.20
C LYS A 26 48.33 2.45 -13.44
N GLU A 27 47.30 3.27 -13.16
CA GLU A 27 46.08 2.87 -12.48
C GLU A 27 45.34 1.87 -13.35
N PHE A 28 45.13 2.24 -14.63
CA PHE A 28 44.44 1.41 -15.59
C PHE A 28 45.27 0.20 -15.96
N GLN A 29 46.63 0.38 -16.03
CA GLN A 29 47.57 -0.69 -16.33
C GLN A 29 47.47 -1.82 -15.31
N SER A 30 47.35 -1.48 -14.01
CA SER A 30 47.22 -2.45 -12.93
C SER A 30 45.84 -3.14 -13.02
N VAL A 31 44.79 -2.44 -13.53
CA VAL A 31 43.46 -3.06 -13.72
C VAL A 31 43.59 -4.11 -14.85
N GLU A 32 44.21 -3.70 -15.99
CA GLU A 32 44.43 -4.60 -17.13
C GLU A 32 45.28 -5.81 -16.70
N GLU A 33 46.36 -5.58 -15.93
CA GLU A 33 47.20 -6.65 -15.39
C GLU A 33 46.36 -7.61 -14.53
N GLU A 34 45.48 -7.07 -13.63
CA GLU A 34 44.60 -7.89 -12.79
C GLU A 34 43.64 -8.72 -13.66
N MET A 35 43.07 -8.10 -14.68
CA MET A 35 42.20 -8.74 -15.63
C MET A 35 42.93 -9.92 -16.34
N GLN A 36 44.13 -9.66 -16.93
CA GLN A 36 44.89 -10.68 -17.66
C GLN A 36 45.41 -11.86 -16.81
N SER A 37 46.08 -11.54 -15.69
CA SER A 37 46.75 -12.51 -14.82
C SER A 37 45.83 -13.42 -14.02
N THR A 38 44.51 -13.13 -13.97
CA THR A 38 43.58 -13.93 -13.16
C THR A 38 42.78 -14.92 -13.98
N VAL A 39 43.04 -14.97 -15.28
CA VAL A 39 42.42 -15.91 -16.20
C VAL A 39 42.82 -17.33 -15.78
N ARG A 40 41.86 -18.22 -15.78
CA ARG A 40 42.14 -19.61 -15.46
C ARG A 40 41.54 -20.40 -16.58
N GLU A 41 41.95 -21.67 -16.69
CA GLU A 41 41.39 -22.60 -17.67
C GLU A 41 40.16 -23.17 -16.97
N HIS A 42 38.99 -23.02 -17.56
CA HIS A 42 37.75 -23.50 -16.95
C HIS A 42 37.40 -24.95 -17.24
N ARG A 43 36.91 -25.65 -16.20
CA ARG A 43 36.55 -27.09 -16.18
C ARG A 43 35.48 -27.45 -17.24
N ASP A 44 34.63 -26.48 -17.60
CA ASP A 44 33.59 -26.64 -18.62
C ASP A 44 34.17 -26.52 -20.07
N GLY A 45 35.50 -26.41 -20.18
CA GLY A 45 36.25 -26.26 -21.43
C GLY A 45 35.93 -25.05 -22.29
N GLY A 46 35.41 -23.99 -21.66
CA GLY A 46 35.02 -22.76 -22.34
C GLY A 46 33.56 -22.71 -22.70
N HIS A 47 32.78 -23.74 -22.30
CA HIS A 47 31.35 -23.75 -22.60
C HIS A 47 30.63 -22.44 -22.23
N ALA A 48 30.74 -21.99 -20.98
CA ALA A 48 30.04 -20.76 -20.56
C ALA A 48 30.63 -19.43 -21.06
N GLY A 49 31.94 -19.27 -20.95
CA GLY A 49 32.58 -18.00 -21.27
C GLY A 49 33.33 -17.87 -22.58
N GLY A 50 33.66 -18.98 -23.22
CA GLY A 50 34.42 -18.98 -24.47
C GLY A 50 35.80 -19.57 -24.29
N ILE A 51 36.52 -19.85 -25.42
CA ILE A 51 37.86 -20.44 -25.43
C ILE A 51 38.88 -19.30 -25.66
N PHE A 52 39.76 -19.06 -24.66
CA PHE A 52 40.72 -17.95 -24.75
C PHE A 52 41.71 -18.05 -23.64
N ASN A 53 42.87 -17.35 -23.72
CA ASN A 53 43.87 -17.32 -22.63
C ASN A 53 44.08 -15.85 -22.24
N ARG A 54 43.55 -14.94 -23.07
CA ARG A 54 43.74 -13.52 -22.87
C ARG A 54 42.63 -12.71 -23.48
N TYR A 55 42.57 -11.44 -23.11
CA TYR A 55 41.59 -10.53 -23.66
C TYR A 55 42.28 -9.43 -24.43
N ASN A 56 41.50 -8.76 -25.24
CA ASN A 56 41.94 -7.56 -25.88
C ASN A 56 41.18 -6.49 -25.09
N ILE A 57 41.87 -5.82 -24.15
CA ILE A 57 41.29 -4.76 -23.32
C ILE A 57 41.09 -3.56 -24.22
N LEU A 58 39.81 -3.19 -24.48
CA LEU A 58 39.50 -2.07 -25.35
C LEU A 58 39.46 -0.76 -24.62
N LYS A 59 38.84 -0.75 -23.45
CA LYS A 59 38.62 0.46 -22.68
C LYS A 59 38.49 0.16 -21.19
N ILE A 60 38.98 1.08 -20.35
CA ILE A 60 38.83 1.04 -18.90
C ILE A 60 38.35 2.42 -18.47
N GLN A 61 37.16 2.48 -17.87
CA GLN A 61 36.58 3.71 -17.40
C GLN A 61 36.34 3.59 -15.93
N LYS A 62 36.65 4.67 -15.21
CA LYS A 62 36.42 4.73 -13.77
C LYS A 62 35.02 5.32 -13.63
N VAL A 63 34.15 4.61 -12.88
CA VAL A 63 32.74 4.98 -12.73
C VAL A 63 32.64 5.97 -11.60
N CYS A 64 32.06 7.13 -11.90
CA CYS A 64 31.90 8.18 -10.91
C CYS A 64 30.42 8.49 -10.71
N ASN A 65 29.88 7.89 -9.65
CA ASN A 65 28.49 8.01 -9.27
C ASN A 65 28.54 8.34 -7.81
N LYS A 66 28.44 9.64 -7.51
CA LYS A 66 28.57 10.20 -6.17
C LYS A 66 27.58 9.67 -5.14
N LYS A 67 26.31 9.49 -5.51
CA LYS A 67 25.31 8.96 -4.57
C LYS A 67 25.61 7.50 -4.18
N LEU A 68 26.13 6.72 -5.16
CA LEU A 68 26.47 5.31 -5.01
C LEU A 68 27.70 5.17 -4.15
N TRP A 69 28.72 6.02 -4.40
CA TRP A 69 29.97 6.07 -3.67
C TRP A 69 29.72 6.36 -2.16
N GLU A 70 28.79 7.32 -1.87
CA GLU A 70 28.41 7.67 -0.50
C GLU A 70 27.67 6.51 0.16
N ARG A 71 26.70 5.88 -0.56
CA ARG A 71 25.96 4.72 -0.08
C ARG A 71 26.94 3.57 0.25
N TYR A 72 27.98 3.38 -0.58
CA TYR A 72 29.05 2.39 -0.40
C TYR A 72 29.96 2.70 0.81
N THR A 73 30.48 3.93 0.91
CA THR A 73 31.36 4.30 2.05
C THR A 73 30.63 4.34 3.41
N HIS A 74 29.35 4.79 3.42
CA HIS A 74 28.55 4.81 4.66
C HIS A 74 28.44 3.39 5.23
N ARG A 75 28.17 2.39 4.35
CA ARG A 75 28.05 1.00 4.78
C ARG A 75 29.42 0.43 5.13
N ARG A 76 30.46 0.84 4.39
CA ARG A 76 31.84 0.41 4.62
C ARG A 76 32.29 0.79 6.01
N LYS A 77 31.99 2.03 6.43
CA LYS A 77 32.32 2.55 7.76
C LYS A 77 31.61 1.73 8.86
N GLU A 78 30.34 1.42 8.64
CA GLU A 78 29.48 0.65 9.53
C GLU A 78 29.99 -0.80 9.70
N VAL A 79 30.43 -1.43 8.59
CA VAL A 79 30.92 -2.80 8.61
C VAL A 79 32.24 -2.81 9.39
N SER A 80 33.11 -1.78 9.17
CA SER A 80 34.40 -1.61 9.87
C SER A 80 34.19 -1.57 11.37
N GLU A 81 33.13 -0.87 11.86
CA GLU A 81 32.82 -0.76 13.29
C GLU A 81 32.37 -2.10 13.89
N GLU A 82 31.90 -3.01 13.05
CA GLU A 82 31.45 -4.33 13.43
C GLU A 82 32.47 -5.41 13.16
N ASN A 83 33.66 -5.02 12.68
CA ASN A 83 34.71 -6.00 12.34
C ASN A 83 36.08 -5.49 12.79
N HIS A 84 36.23 -5.20 14.08
CA HIS A 84 37.48 -4.74 14.71
C HIS A 84 38.20 -3.67 13.88
N ASN A 85 37.46 -2.60 13.47
CA ASN A 85 37.95 -1.44 12.69
C ASN A 85 38.52 -1.81 11.28
N HIS A 86 38.10 -2.96 10.73
CA HIS A 86 38.54 -3.45 9.43
C HIS A 86 37.34 -3.75 8.50
N ALA A 87 37.28 -3.05 7.34
CA ALA A 87 36.24 -3.25 6.30
C ALA A 87 36.38 -4.56 5.58
N ASN A 88 37.65 -5.03 5.44
CA ASN A 88 38.00 -6.22 4.68
C ASN A 88 37.51 -6.07 3.21
N GLU A 89 37.93 -4.96 2.63
CA GLU A 89 37.66 -4.51 1.29
C GLU A 89 38.59 -5.22 0.32
N ARG A 90 38.02 -5.75 -0.75
CA ARG A 90 38.69 -6.44 -1.81
C ARG A 90 38.25 -5.93 -3.16
N MET A 91 39.18 -5.98 -4.13
CA MET A 91 38.87 -5.60 -5.51
C MET A 91 38.50 -6.90 -6.22
N LEU A 92 37.23 -7.01 -6.63
CA LEU A 92 36.69 -8.24 -7.22
C LEU A 92 35.90 -7.94 -8.50
N PHE A 93 35.85 -8.92 -9.43
CA PHE A 93 35.17 -8.83 -10.72
C PHE A 93 33.70 -9.21 -10.62
N HIS A 94 32.87 -8.55 -11.45
CA HIS A 94 31.44 -8.90 -11.58
C HIS A 94 31.03 -8.92 -13.04
N GLY A 95 30.50 -10.05 -13.48
CA GLY A 95 30.01 -10.18 -14.84
C GLY A 95 28.51 -10.31 -14.82
N SER A 96 27.81 -9.55 -15.68
CA SER A 96 26.36 -9.53 -15.69
C SER A 96 25.86 -8.91 -16.95
N PRO A 97 24.67 -9.28 -17.45
CA PRO A 97 24.10 -8.54 -18.59
C PRO A 97 23.52 -7.17 -18.13
N PHE A 98 23.47 -6.90 -16.81
CA PHE A 98 22.88 -5.68 -16.23
C PHE A 98 23.86 -4.58 -15.83
N VAL A 99 25.05 -4.59 -16.43
CA VAL A 99 26.12 -3.63 -16.16
C VAL A 99 25.64 -2.17 -16.15
N ASN A 100 24.86 -1.78 -17.12
CA ASN A 100 24.31 -0.44 -17.22
C ASN A 100 23.35 -0.08 -16.06
N ALA A 101 22.48 -1.02 -15.61
CA ALA A 101 21.63 -0.76 -14.45
C ALA A 101 22.54 -0.61 -13.21
N ILE A 102 23.59 -1.46 -13.09
CA ILE A 102 24.50 -1.45 -11.94
C ILE A 102 25.26 -0.13 -11.82
N ILE A 103 25.74 0.37 -12.96
CA ILE A 103 26.46 1.63 -13.09
C ILE A 103 25.62 2.81 -12.66
N HIS A 104 24.33 2.79 -12.98
CA HIS A 104 23.43 3.91 -12.66
C HIS A 104 22.73 3.79 -11.31
N LYS A 105 22.26 2.60 -10.98
CA LYS A 105 21.51 2.35 -9.75
C LYS A 105 22.27 1.65 -8.62
N GLY A 106 23.41 1.02 -8.90
CA GLY A 106 24.18 0.26 -7.92
C GLY A 106 23.78 -1.20 -7.90
N PHE A 107 24.49 -2.05 -7.15
CA PHE A 107 24.14 -3.47 -6.99
C PHE A 107 22.85 -3.54 -6.20
N ASP A 108 22.03 -4.53 -6.47
CA ASP A 108 20.75 -4.58 -5.80
C ASP A 108 20.42 -6.01 -5.40
N GLU A 109 20.42 -6.31 -4.09
CA GLU A 109 20.07 -7.62 -3.55
C GLU A 109 18.66 -8.07 -3.93
N ARG A 110 17.77 -7.12 -4.29
CA ARG A 110 16.40 -7.50 -4.71
C ARG A 110 16.48 -8.22 -6.07
N HIS A 111 17.63 -8.09 -6.78
CA HIS A 111 18.01 -8.77 -8.04
C HIS A 111 19.16 -9.81 -7.81
N ALA A 112 19.19 -10.42 -6.63
CA ALA A 112 20.20 -11.43 -6.25
C ALA A 112 20.12 -12.71 -7.12
N TYR A 113 21.26 -13.42 -7.29
CA TYR A 113 21.30 -14.68 -8.04
C TYR A 113 20.78 -15.79 -7.07
N ILE A 114 19.45 -16.04 -7.07
CA ILE A 114 18.83 -17.06 -6.19
C ILE A 114 19.34 -18.50 -6.45
N GLY A 115 19.60 -18.82 -7.73
CA GLY A 115 20.10 -20.12 -8.16
C GLY A 115 21.52 -20.41 -7.70
N GLY A 116 22.18 -19.40 -7.13
CA GLY A 116 23.54 -19.46 -6.63
C GLY A 116 23.76 -20.50 -5.56
N MET A 117 25.02 -20.96 -5.42
CA MET A 117 25.51 -21.95 -4.46
C MET A 117 25.31 -21.48 -3.02
N PHE A 118 25.45 -20.15 -2.75
CA PHE A 118 25.28 -19.58 -1.41
C PHE A 118 24.01 -18.75 -1.23
N GLY A 119 23.00 -19.12 -2.00
CA GLY A 119 21.68 -18.51 -1.98
C GLY A 119 21.57 -17.15 -2.64
N ALA A 120 20.67 -16.33 -2.09
CA ALA A 120 20.27 -15.02 -2.63
C ALA A 120 21.23 -13.87 -2.36
N GLY A 121 22.40 -13.94 -2.97
CA GLY A 121 23.39 -12.89 -2.83
C GLY A 121 23.83 -12.33 -4.16
N ILE A 122 24.80 -11.43 -4.11
CA ILE A 122 25.42 -10.77 -5.26
C ILE A 122 26.82 -11.34 -5.26
N TYR A 123 27.16 -12.04 -6.36
CA TYR A 123 28.38 -12.82 -6.57
C TYR A 123 29.52 -12.12 -7.25
N PHE A 124 30.72 -12.32 -6.73
CA PHE A 124 31.96 -11.74 -7.23
C PHE A 124 33.06 -12.81 -7.33
N ALA A 125 34.07 -12.57 -8.17
CA ALA A 125 35.16 -13.52 -8.35
C ALA A 125 36.48 -12.78 -8.35
N GLU A 126 37.52 -13.46 -7.90
CA GLU A 126 38.88 -12.90 -7.92
C GLU A 126 39.57 -13.31 -9.24
N ASN A 127 38.93 -14.15 -10.05
CA ASN A 127 39.37 -14.57 -11.38
C ASN A 127 38.47 -13.93 -12.41
N SER A 128 39.00 -13.03 -13.25
CA SER A 128 38.24 -12.35 -14.30
C SER A 128 37.55 -13.33 -15.27
N SER A 129 38.21 -14.46 -15.58
CA SER A 129 37.62 -15.46 -16.50
C SER A 129 36.38 -16.15 -15.92
N LYS A 130 36.23 -16.19 -14.59
CA LYS A 130 35.01 -16.72 -13.92
C LYS A 130 33.83 -15.74 -14.10
N SER A 131 34.05 -14.45 -13.81
CA SER A 131 33.05 -13.40 -14.00
C SER A 131 32.67 -13.29 -15.49
N ASN A 132 33.65 -13.59 -16.39
CA ASN A 132 33.41 -13.59 -17.85
C ASN A 132 32.33 -14.66 -18.22
N GLN A 133 32.21 -15.77 -17.45
CA GLN A 133 31.17 -16.79 -17.68
C GLN A 133 29.74 -16.28 -17.43
N TYR A 134 29.59 -15.06 -16.88
CA TYR A 134 28.29 -14.54 -16.48
C TYR A 134 27.84 -13.27 -17.18
N VAL A 135 28.67 -12.75 -18.08
CA VAL A 135 28.40 -11.51 -18.82
CA VAL A 135 28.47 -11.52 -18.88
C VAL A 135 27.19 -11.64 -19.73
N TYR A 136 26.94 -12.83 -20.30
CA TYR A 136 25.76 -12.96 -21.13
C TYR A 136 24.54 -13.66 -20.44
N GLY A 137 24.67 -13.95 -19.15
CA GLY A 137 23.67 -14.62 -18.34
C GLY A 137 24.28 -15.79 -17.61
N ILE A 138 23.48 -16.55 -16.84
CA ILE A 138 24.00 -17.70 -16.08
C ILE A 138 24.48 -18.80 -17.05
N GLY A 139 25.73 -19.24 -16.87
CA GLY A 139 26.37 -20.23 -17.74
C GLY A 139 26.62 -19.69 -19.15
N GLY A 140 26.74 -18.36 -19.24
CA GLY A 140 26.96 -17.63 -20.48
C GLY A 140 25.69 -17.39 -21.28
N GLY A 141 24.56 -17.89 -20.77
CA GLY A 141 23.26 -17.74 -21.42
C GLY A 141 23.31 -18.30 -22.83
N THR A 142 22.84 -17.52 -23.79
CA THR A 142 22.83 -17.88 -25.21
C THR A 142 23.98 -17.14 -25.97
N GLY A 143 24.86 -16.48 -25.21
CA GLY A 143 26.01 -15.74 -25.73
C GLY A 143 25.65 -14.35 -26.18
N CYS A 144 26.42 -13.80 -27.12
CA CYS A 144 26.22 -12.42 -27.58
C CYS A 144 24.84 -12.20 -28.26
N PRO A 145 24.22 -10.99 -28.15
CA PRO A 145 22.92 -10.78 -28.81
C PRO A 145 22.92 -10.87 -30.34
N VAL A 146 24.04 -10.52 -31.03
CA VAL A 146 24.10 -10.54 -32.49
C VAL A 146 24.42 -11.89 -33.13
N HIS A 147 25.30 -12.74 -32.52
CA HIS A 147 25.64 -14.04 -33.11
C HIS A 147 25.22 -15.25 -32.30
N LYS A 148 24.68 -15.04 -31.07
CA LYS A 148 24.28 -16.13 -30.15
C LYS A 148 25.47 -17.10 -29.93
N ASP A 149 26.63 -16.54 -29.63
CA ASP A 149 27.86 -17.31 -29.49
C ASP A 149 28.50 -16.99 -28.14
N ARG A 150 28.68 -18.01 -27.29
CA ARG A 150 29.29 -17.78 -25.98
C ARG A 150 30.76 -17.50 -26.09
N SER A 151 31.33 -17.94 -27.23
CA SER A 151 32.72 -17.78 -27.56
C SER A 151 32.94 -16.74 -28.62
N CYS A 152 32.05 -15.75 -28.73
CA CYS A 152 32.21 -14.69 -29.70
C CYS A 152 33.50 -13.93 -29.45
N TYR A 153 34.28 -13.78 -30.51
CA TYR A 153 35.57 -13.09 -30.53
C TYR A 153 35.43 -11.70 -31.13
N ILE A 154 34.23 -11.39 -31.69
CA ILE A 154 33.86 -10.16 -32.36
C ILE A 154 33.18 -9.19 -31.43
N CYS A 155 32.09 -9.62 -30.78
CA CYS A 155 31.33 -8.72 -29.90
C CYS A 155 32.10 -8.21 -28.67
N HIS A 156 31.93 -6.93 -28.35
CA HIS A 156 32.63 -6.35 -27.21
C HIS A 156 31.84 -6.65 -25.96
N ARG A 157 32.54 -7.17 -24.93
CA ARG A 157 31.98 -7.50 -23.63
C ARG A 157 32.37 -6.43 -22.62
N GLN A 158 31.62 -6.37 -21.51
CA GLN A 158 31.89 -5.47 -20.40
C GLN A 158 31.82 -6.26 -19.10
N LEU A 159 32.75 -5.97 -18.20
CA LEU A 159 32.92 -6.59 -16.89
C LEU A 159 33.14 -5.43 -15.93
N LEU A 160 32.76 -5.62 -14.66
CA LEU A 160 33.03 -4.62 -13.62
C LEU A 160 34.14 -5.11 -12.69
N PHE A 161 35.05 -4.20 -12.31
CA PHE A 161 36.10 -4.45 -11.34
C PHE A 161 35.68 -3.57 -10.15
N CYS A 162 35.18 -4.22 -9.10
CA CYS A 162 34.52 -3.60 -7.95
C CYS A 162 35.20 -3.58 -6.60
N ARG A 163 34.84 -2.57 -5.83
CA ARG A 163 35.24 -2.47 -4.44
C ARG A 163 34.17 -3.26 -3.69
N VAL A 164 34.56 -4.31 -3.00
CA VAL A 164 33.61 -5.17 -2.25
C VAL A 164 34.04 -5.22 -0.79
N THR A 165 33.14 -4.81 0.10
CA THR A 165 33.33 -4.83 1.55
C THR A 165 32.85 -6.19 1.99
N LEU A 166 33.79 -7.05 2.39
CA LEU A 166 33.42 -8.37 2.85
C LEU A 166 33.14 -8.40 4.34
N GLY A 167 33.67 -7.43 5.09
CA GLY A 167 33.62 -7.39 6.55
C GLY A 167 34.03 -8.70 7.17
N LYS A 168 33.21 -9.21 8.10
CA LYS A 168 33.48 -10.53 8.70
C LYS A 168 32.87 -11.55 7.74
N SER A 169 33.70 -12.17 6.90
CA SER A 169 33.25 -13.10 5.86
C SER A 169 33.22 -14.53 6.31
N PHE A 170 32.06 -15.21 6.10
CA PHE A 170 31.82 -16.59 6.49
C PHE A 170 32.40 -17.56 5.47
N LEU A 171 33.40 -18.32 5.91
CA LEU A 171 34.12 -19.30 5.07
C LEU A 171 33.30 -20.56 4.95
N GLN A 172 32.93 -20.93 3.72
CA GLN A 172 32.07 -22.09 3.46
C GLN A 172 32.58 -22.81 2.19
N PHE A 173 32.49 -24.17 2.19
CA PHE A 173 32.95 -25.01 1.08
C PHE A 173 31.79 -25.62 0.34
N SER A 174 30.73 -26.05 1.05
CA SER A 174 29.57 -26.68 0.40
C SER A 174 28.37 -25.73 0.25
N ALA A 175 27.41 -26.09 -0.62
CA ALA A 175 26.22 -25.27 -0.88
C ALA A 175 25.43 -25.00 0.41
N MET A 176 25.05 -23.74 0.59
CA MET A 176 24.38 -23.23 1.76
C MET A 176 23.45 -22.11 1.27
N LYS A 177 22.19 -22.42 1.01
CA LYS A 177 21.20 -21.47 0.50
C LYS A 177 20.78 -20.42 1.55
N MET A 178 21.54 -19.34 1.64
CA MET A 178 21.29 -18.23 2.56
C MET A 178 20.37 -17.23 1.88
N ALA A 179 19.60 -16.47 2.69
CA ALA A 179 18.82 -15.32 2.20
C ALA A 179 19.64 -14.12 2.59
N HIS A 180 20.37 -14.20 3.73
CA HIS A 180 21.15 -13.09 4.27
C HIS A 180 22.48 -13.61 4.74
N SER A 181 23.39 -12.74 5.16
CA SER A 181 24.68 -13.14 5.72
C SER A 181 24.40 -13.99 6.95
N PRO A 182 25.29 -14.95 7.28
CA PRO A 182 25.08 -15.74 8.50
C PRO A 182 25.22 -14.82 9.73
N PRO A 183 24.56 -15.13 10.88
CA PRO A 183 24.65 -14.22 12.05
C PRO A 183 26.09 -13.73 12.36
N GLY A 184 26.22 -12.43 12.63
CA GLY A 184 27.47 -11.78 12.97
C GLY A 184 28.47 -11.60 11.85
N HIS A 185 28.06 -12.00 10.61
CA HIS A 185 28.90 -11.91 9.42
C HIS A 185 28.34 -10.88 8.41
N HIS A 186 29.19 -10.42 7.45
CA HIS A 186 28.83 -9.40 6.45
C HIS A 186 28.92 -9.90 5.03
N SER A 187 29.26 -11.20 4.88
CA SER A 187 29.43 -11.85 3.58
C SER A 187 29.80 -13.30 3.74
N VAL A 188 29.86 -13.99 2.59
CA VAL A 188 30.22 -15.40 2.48
C VAL A 188 31.38 -15.48 1.46
N THR A 189 32.41 -16.27 1.80
CA THR A 189 33.55 -16.58 0.93
C THR A 189 33.44 -18.07 0.59
N GLY A 190 33.14 -18.36 -0.66
CA GLY A 190 33.09 -19.72 -1.18
C GLY A 190 34.49 -20.16 -1.52
N ARG A 191 35.03 -21.12 -0.76
CA ARG A 191 36.40 -21.64 -0.95
C ARG A 191 36.40 -22.94 -1.81
N PRO A 192 37.43 -23.13 -2.66
CA PRO A 192 37.48 -24.35 -3.49
C PRO A 192 37.56 -25.66 -2.70
N SER A 193 36.75 -26.65 -3.11
CA SER A 193 36.72 -28.00 -2.53
C SER A 193 36.49 -29.04 -3.64
N VAL A 194 36.94 -30.27 -3.39
CA VAL A 194 36.87 -31.42 -4.31
C VAL A 194 35.50 -31.63 -4.99
N ASN A 195 34.41 -31.65 -4.18
CA ASN A 195 33.05 -31.95 -4.63
C ASN A 195 32.35 -31.17 -5.76
N GLY A 196 32.29 -29.83 -5.79
CA GLY A 196 32.91 -28.78 -4.98
C GLY A 196 33.25 -27.59 -5.88
N LEU A 197 33.78 -26.48 -5.30
CA LEU A 197 34.17 -25.29 -6.10
C LEU A 197 35.57 -25.43 -6.69
N ALA A 198 35.75 -25.00 -7.95
CA ALA A 198 37.03 -25.00 -8.65
C ALA A 198 37.79 -23.74 -8.28
N LEU A 199 37.05 -22.61 -8.17
CA LEU A 199 37.64 -21.32 -7.84
C LEU A 199 36.80 -20.63 -6.75
N ALA A 200 37.40 -19.66 -6.08
CA ALA A 200 36.73 -18.89 -5.04
C ALA A 200 35.63 -17.96 -5.63
N GLU A 201 34.67 -17.59 -4.76
CA GLU A 201 33.58 -16.65 -5.03
C GLU A 201 33.13 -15.98 -3.75
N TYR A 202 32.71 -14.72 -3.88
CA TYR A 202 32.41 -13.85 -2.76
C TYR A 202 30.98 -13.37 -2.90
N VAL A 203 30.19 -13.52 -1.84
CA VAL A 203 28.75 -13.23 -1.85
C VAL A 203 28.40 -12.21 -0.79
N ILE A 204 27.79 -11.11 -1.22
CA ILE A 204 27.25 -10.07 -0.33
C ILE A 204 25.73 -10.17 -0.41
N TYR A 205 25.01 -9.78 0.65
CA TYR A 205 23.56 -9.88 0.71
C TYR A 205 22.85 -8.52 0.77
N ARG A 206 23.64 -7.46 0.60
CA ARG A 206 23.21 -6.07 0.60
C ARG A 206 23.91 -5.37 -0.51
N GLY A 207 23.13 -4.77 -1.40
CA GLY A 207 23.65 -4.08 -2.57
C GLY A 207 24.72 -3.02 -2.31
N GLU A 208 24.54 -2.27 -1.23
CA GLU A 208 25.43 -1.16 -0.83
C GLU A 208 26.83 -1.62 -0.37
N GLN A 209 27.06 -2.94 -0.29
CA GLN A 209 28.37 -3.49 0.10
C GLN A 209 29.39 -3.66 -1.05
N ALA A 210 29.02 -3.13 -2.24
CA ALA A 210 29.90 -3.09 -3.41
C ALA A 210 29.72 -1.81 -4.19
N TYR A 211 30.82 -1.30 -4.76
CA TYR A 211 30.78 -0.15 -5.63
C TYR A 211 31.37 -0.57 -7.00
N PRO A 212 30.67 -0.34 -8.13
CA PRO A 212 31.25 -0.73 -9.46
C PRO A 212 32.34 0.23 -9.93
N GLU A 213 33.55 0.14 -9.33
CA GLU A 213 34.65 1.07 -9.57
C GLU A 213 35.13 1.28 -10.99
N TYR A 214 35.37 0.18 -11.72
CA TYR A 214 35.84 0.25 -13.10
C TYR A 214 34.96 -0.55 -14.04
N LEU A 215 34.67 0.04 -15.22
CA LEU A 215 33.96 -0.56 -16.33
C LEU A 215 35.02 -0.98 -17.37
N ILE A 216 35.21 -2.30 -17.56
CA ILE A 216 36.22 -2.80 -18.52
C ILE A 216 35.51 -3.24 -19.79
N THR A 217 35.80 -2.57 -20.92
CA THR A 217 35.25 -2.97 -22.24
C THR A 217 36.34 -3.84 -22.87
N TYR A 218 35.96 -5.04 -23.32
CA TYR A 218 36.92 -5.99 -23.81
C TYR A 218 36.32 -7.03 -24.74
N GLN A 219 37.21 -7.76 -25.40
CA GLN A 219 36.88 -8.93 -26.20
C GLN A 219 37.74 -10.06 -25.66
N ILE A 220 37.25 -11.29 -25.70
CA ILE A 220 38.06 -12.47 -25.40
C ILE A 220 38.84 -12.72 -26.72
N MET A 221 40.03 -13.33 -26.65
CA MET A 221 40.79 -13.49 -27.90
C MET A 221 41.01 -14.92 -28.20
N ARG A 222 40.82 -15.30 -29.49
CA ARG A 222 41.07 -16.65 -30.00
C ARG A 222 42.48 -17.08 -29.60
N PRO A 223 42.68 -18.27 -29.00
CA PRO A 223 44.06 -18.71 -28.68
C PRO A 223 44.88 -18.96 -29.95
N LEU B 17 -17.82 18.54 23.22
CA LEU B 17 -18.49 17.84 22.12
C LEU B 17 -20.00 18.04 22.13
N TYR B 18 -20.68 17.89 23.30
CA TYR B 18 -22.15 18.04 23.43
C TYR B 18 -22.60 19.30 24.17
N PHE B 19 -23.78 19.88 23.81
CA PHE B 19 -24.33 21.08 24.45
C PHE B 19 -25.84 21.02 24.60
N GLN B 20 -26.34 21.22 25.85
CA GLN B 20 -27.77 21.25 26.14
C GLN B 20 -28.34 22.68 26.23
N GLY B 21 -29.61 22.85 25.84
CA GLY B 21 -30.29 24.15 25.90
C GLY B 21 -31.49 24.14 26.83
N ASP B 25 -34.73 27.37 25.93
CA ASP B 25 -34.03 27.65 24.69
C ASP B 25 -34.94 27.39 23.49
N LYS B 26 -35.10 28.42 22.62
CA LYS B 26 -35.95 28.39 21.42
C LYS B 26 -35.50 27.33 20.41
N GLU B 27 -34.18 27.18 20.27
CA GLU B 27 -33.47 26.26 19.38
C GLU B 27 -33.75 24.80 19.76
N PHE B 28 -33.78 24.49 21.06
CA PHE B 28 -34.02 23.13 21.49
C PHE B 28 -35.52 22.78 21.59
N GLN B 29 -36.39 23.82 21.62
CA GLN B 29 -37.86 23.71 21.61
C GLN B 29 -38.24 23.40 20.17
N SER B 30 -37.47 24.00 19.23
CA SER B 30 -37.59 23.87 17.78
C SER B 30 -37.31 22.44 17.31
N VAL B 31 -36.31 21.83 17.92
CA VAL B 31 -35.87 20.47 17.64
C VAL B 31 -36.94 19.47 18.11
N GLU B 32 -37.44 19.66 19.33
CA GLU B 32 -38.50 18.84 19.91
C GLU B 32 -39.79 18.93 19.10
N GLU B 33 -40.18 20.15 18.68
CA GLU B 33 -41.37 20.39 17.86
C GLU B 33 -41.28 19.62 16.56
N GLU B 34 -40.14 19.75 15.85
CA GLU B 34 -39.88 19.04 14.60
C GLU B 34 -39.92 17.53 14.81
N MET B 35 -39.37 17.06 15.92
CA MET B 35 -39.35 15.64 16.28
C MET B 35 -40.79 15.12 16.51
N GLN B 36 -41.60 15.84 17.33
CA GLN B 36 -42.99 15.46 17.66
C GLN B 36 -43.97 15.62 16.51
N SER B 37 -43.93 16.78 15.84
CA SER B 37 -44.89 17.16 14.80
C SER B 37 -44.73 16.44 13.45
N THR B 38 -43.58 15.78 13.21
CA THR B 38 -43.32 15.06 11.97
C THR B 38 -43.66 13.56 12.08
N VAL B 39 -44.22 13.13 13.24
CA VAL B 39 -44.69 11.74 13.44
C VAL B 39 -45.86 11.53 12.45
N ARG B 40 -45.89 10.35 11.84
CA ARG B 40 -46.87 9.92 10.86
C ARG B 40 -47.26 8.49 11.15
N GLU B 41 -48.42 8.06 10.61
CA GLU B 41 -48.92 6.70 10.77
C GLU B 41 -48.26 5.88 9.70
N HIS B 42 -47.55 4.81 10.08
CA HIS B 42 -46.87 4.03 9.08
C HIS B 42 -47.68 2.94 8.39
N ARG B 43 -47.40 2.76 7.07
CA ARG B 43 -48.03 1.75 6.22
C ARG B 43 -47.78 0.32 6.76
N ASP B 44 -46.63 0.11 7.44
CA ASP B 44 -46.25 -1.16 8.07
C ASP B 44 -46.98 -1.42 9.41
N GLY B 45 -47.88 -0.48 9.78
CA GLY B 45 -48.67 -0.54 11.02
C GLY B 45 -47.88 -0.53 12.32
N GLY B 46 -46.67 0.06 12.30
CA GLY B 46 -45.82 0.12 13.48
C GLY B 46 -44.92 -1.09 13.65
N HIS B 47 -44.82 -1.92 12.60
CA HIS B 47 -43.96 -3.12 12.60
C HIS B 47 -42.47 -2.81 12.83
N ALA B 48 -41.86 -1.95 11.99
CA ALA B 48 -40.45 -1.60 12.13
C ALA B 48 -40.13 -0.76 13.38
N GLY B 49 -40.88 0.32 13.62
CA GLY B 49 -40.57 1.27 14.70
C GLY B 49 -41.36 1.26 16.00
N GLY B 50 -42.54 0.63 15.99
CA GLY B 50 -43.40 0.54 17.15
C GLY B 50 -44.68 1.35 17.07
N ILE B 51 -45.56 1.15 18.06
CA ILE B 51 -46.88 1.80 18.16
C ILE B 51 -46.75 2.98 19.13
N PHE B 52 -47.05 4.18 18.64
CA PHE B 52 -46.93 5.44 19.39
C PHE B 52 -47.46 6.57 18.53
N ASN B 53 -47.85 7.66 19.16
CA ASN B 53 -48.30 8.87 18.52
C ASN B 53 -47.35 10.00 18.90
N ARG B 54 -46.52 9.77 19.94
CA ARG B 54 -45.63 10.77 20.53
C ARG B 54 -44.39 10.13 21.17
N TYR B 55 -43.37 10.97 21.45
CA TYR B 55 -42.17 10.49 22.11
C TYR B 55 -42.07 11.15 23.48
N ASN B 56 -41.21 10.60 24.31
CA ASN B 56 -40.82 11.19 25.55
C ASN B 56 -39.38 11.60 25.29
N ILE B 57 -39.14 12.88 24.99
CA ILE B 57 -37.78 13.36 24.73
C ILE B 57 -37.04 13.51 26.07
N LEU B 58 -35.95 12.76 26.23
CA LEU B 58 -35.15 12.78 27.44
C LEU B 58 -34.08 13.88 27.44
N LYS B 59 -33.35 14.02 26.31
CA LYS B 59 -32.21 14.92 26.18
C LYS B 59 -32.00 15.24 24.70
N ILE B 60 -31.63 16.48 24.41
CA ILE B 60 -31.30 16.99 23.07
C ILE B 60 -29.99 17.73 23.23
N GLN B 61 -28.92 17.17 22.67
CA GLN B 61 -27.59 17.73 22.73
C GLN B 61 -27.16 18.18 21.34
N LYS B 62 -26.50 19.33 21.28
CA LYS B 62 -25.94 19.88 20.05
C LYS B 62 -24.54 19.30 19.95
N VAL B 63 -24.24 18.64 18.81
CA VAL B 63 -22.94 18.03 18.53
C VAL B 63 -22.02 19.11 17.93
N CYS B 64 -20.88 19.37 18.59
CA CYS B 64 -19.88 20.35 18.16
C CYS B 64 -18.59 19.62 17.93
N ASN B 65 -18.38 19.22 16.68
CA ASN B 65 -17.19 18.52 16.22
C ASN B 65 -16.58 19.38 15.12
N LYS B 66 -15.48 20.12 15.44
CA LYS B 66 -14.78 21.02 14.51
C LYS B 66 -14.31 20.40 13.17
N LYS B 67 -13.63 19.23 13.20
CA LYS B 67 -13.16 18.57 11.99
C LYS B 67 -14.35 18.24 11.05
N LEU B 68 -15.47 17.76 11.63
CA LEU B 68 -16.68 17.42 10.88
C LEU B 68 -17.30 18.65 10.32
N TRP B 69 -17.39 19.73 11.13
CA TRP B 69 -17.93 21.01 10.68
C TRP B 69 -17.12 21.60 9.52
N GLU B 70 -15.78 21.52 9.60
CA GLU B 70 -14.89 22.04 8.53
C GLU B 70 -15.05 21.26 7.23
N ARG B 71 -15.09 19.93 7.34
CA ARG B 71 -15.33 19.02 6.21
C ARG B 71 -16.70 19.33 5.56
N TYR B 72 -17.75 19.41 6.39
CA TYR B 72 -19.08 19.74 5.93
C TYR B 72 -19.16 21.09 5.21
N THR B 73 -18.63 22.18 5.84
CA THR B 73 -18.72 23.53 5.26
C THR B 73 -17.97 23.70 3.96
N HIS B 74 -16.79 23.04 3.85
CA HIS B 74 -15.95 22.99 2.64
C HIS B 74 -16.76 22.37 1.51
N ARG B 75 -17.38 21.22 1.77
CA ARG B 75 -18.18 20.56 0.73
C ARG B 75 -19.44 21.38 0.40
N ARG B 76 -20.06 22.04 1.38
CA ARG B 76 -21.27 22.88 1.20
C ARG B 76 -21.00 24.06 0.24
N LYS B 77 -19.86 24.73 0.41
CA LYS B 77 -19.42 25.86 -0.42
C LYS B 77 -19.23 25.40 -1.86
N GLU B 78 -18.61 24.20 -2.05
CA GLU B 78 -18.36 23.56 -3.35
C GLU B 78 -19.67 23.22 -4.07
N VAL B 79 -20.61 22.58 -3.37
CA VAL B 79 -21.93 22.20 -3.91
C VAL B 79 -22.74 23.47 -4.28
N SER B 80 -22.74 24.50 -3.39
CA SER B 80 -23.42 25.78 -3.59
C SER B 80 -22.93 26.38 -4.93
N GLU B 81 -21.59 26.41 -5.15
CA GLU B 81 -20.97 26.92 -6.39
C GLU B 81 -21.29 26.08 -7.60
N GLU B 82 -21.54 24.76 -7.41
CA GLU B 82 -21.95 23.91 -8.55
C GLU B 82 -23.47 23.93 -8.76
N ASN B 83 -24.22 24.71 -7.94
CA ASN B 83 -25.69 24.76 -7.98
C ASN B 83 -26.24 26.17 -8.02
N HIS B 84 -25.65 27.05 -8.85
CA HIS B 84 -26.05 28.44 -9.02
C HIS B 84 -26.21 29.19 -7.70
N ASN B 85 -25.28 28.93 -6.75
CA ASN B 85 -25.19 29.59 -5.45
C ASN B 85 -26.21 29.17 -4.37
N HIS B 86 -26.83 27.98 -4.55
CA HIS B 86 -27.74 27.41 -3.54
C HIS B 86 -27.22 26.04 -3.09
N ALA B 87 -26.89 25.95 -1.81
CA ALA B 87 -26.46 24.72 -1.16
C ALA B 87 -27.64 23.75 -1.08
N ASN B 88 -28.88 24.29 -1.06
CA ASN B 88 -30.15 23.53 -0.92
C ASN B 88 -30.02 22.66 0.33
N GLU B 89 -29.72 23.31 1.45
CA GLU B 89 -29.50 22.61 2.68
C GLU B 89 -30.80 22.40 3.43
N ARG B 90 -30.96 21.21 4.03
CA ARG B 90 -32.16 20.89 4.83
C ARG B 90 -31.81 20.24 6.15
N MET B 91 -32.70 20.40 7.13
CA MET B 91 -32.59 19.75 8.43
C MET B 91 -33.38 18.44 8.34
N LEU B 92 -32.69 17.30 8.45
CA LEU B 92 -33.35 15.99 8.27
C LEU B 92 -32.91 15.00 9.30
N PHE B 93 -33.79 14.03 9.60
CA PHE B 93 -33.47 13.04 10.61
C PHE B 93 -32.70 11.90 10.04
N HIS B 94 -31.93 11.21 10.89
CA HIS B 94 -31.24 9.97 10.57
C HIS B 94 -31.37 9.01 11.76
N GLY B 95 -31.79 7.79 11.47
CA GLY B 95 -31.90 6.69 12.43
C GLY B 95 -30.87 5.64 12.11
N SER B 96 -30.07 5.22 13.13
CA SER B 96 -29.02 4.23 12.94
C SER B 96 -28.53 3.57 14.24
N PRO B 97 -28.14 2.28 14.25
CA PRO B 97 -27.47 1.71 15.44
C PRO B 97 -26.09 2.36 15.65
N PHE B 98 -25.56 3.06 14.62
CA PHE B 98 -24.22 3.63 14.62
C PHE B 98 -24.07 5.12 14.87
N VAL B 99 -25.04 5.73 15.60
CA VAL B 99 -25.02 7.15 15.95
C VAL B 99 -23.70 7.63 16.59
N ASN B 100 -23.09 6.82 17.46
CA ASN B 100 -21.85 7.17 18.17
C ASN B 100 -20.65 7.27 17.25
N ALA B 101 -20.53 6.34 16.26
CA ALA B 101 -19.48 6.40 15.24
C ALA B 101 -19.75 7.63 14.34
N ILE B 102 -21.05 7.95 14.04
CA ILE B 102 -21.40 9.11 13.21
C ILE B 102 -20.92 10.42 13.84
N ILE B 103 -21.20 10.60 15.13
CA ILE B 103 -20.83 11.81 15.87
C ILE B 103 -19.32 11.99 15.95
N HIS B 104 -18.60 10.89 16.08
CA HIS B 104 -17.15 10.96 16.20
C HIS B 104 -16.39 11.00 14.87
N LYS B 105 -16.82 10.20 13.87
CA LYS B 105 -16.14 10.08 12.59
C LYS B 105 -16.86 10.72 11.40
N GLY B 106 -18.14 11.03 11.58
CA GLY B 106 -18.96 11.62 10.53
C GLY B 106 -19.68 10.60 9.72
N PHE B 107 -20.61 11.03 8.87
CA PHE B 107 -21.28 10.10 7.94
C PHE B 107 -20.23 9.54 6.98
N ASP B 108 -20.44 8.32 6.55
CA ASP B 108 -19.51 7.61 5.70
C ASP B 108 -20.24 6.86 4.61
N GLU B 109 -20.02 7.18 3.32
CA GLU B 109 -20.69 6.48 2.20
C GLU B 109 -20.16 5.07 2.01
N ARG B 110 -18.98 4.76 2.61
CA ARG B 110 -18.37 3.42 2.57
C ARG B 110 -19.22 2.42 3.39
N HIS B 111 -20.15 2.93 4.24
CA HIS B 111 -21.17 2.20 5.04
C HIS B 111 -22.57 2.67 4.55
N ALA B 112 -22.72 2.84 3.21
CA ALA B 112 -23.95 3.30 2.59
C ALA B 112 -24.99 2.20 2.65
N TYR B 113 -26.30 2.57 2.65
CA TYR B 113 -27.37 1.57 2.67
C TYR B 113 -27.62 1.00 1.26
N ILE B 114 -26.75 0.01 0.87
CA ILE B 114 -26.75 -0.73 -0.41
C ILE B 114 -28.14 -1.21 -0.88
N GLY B 115 -28.93 -1.79 0.03
CA GLY B 115 -30.26 -2.32 -0.26
C GLY B 115 -31.36 -1.27 -0.37
N GLY B 116 -31.01 -0.01 -0.18
CA GLY B 116 -31.99 1.09 -0.27
C GLY B 116 -32.52 1.27 -1.67
N MET B 117 -33.69 1.92 -1.76
CA MET B 117 -34.41 2.18 -3.00
C MET B 117 -33.59 2.91 -4.06
N PHE B 118 -32.68 3.79 -3.61
CA PHE B 118 -31.83 4.62 -4.46
C PHE B 118 -30.36 4.21 -4.44
N GLY B 119 -30.14 2.95 -4.09
CA GLY B 119 -28.81 2.38 -4.06
C GLY B 119 -27.94 2.72 -2.87
N ALA B 120 -26.62 2.64 -3.09
CA ALA B 120 -25.62 2.79 -2.05
C ALA B 120 -25.34 4.24 -1.62
N GLY B 121 -26.33 4.84 -0.93
CA GLY B 121 -26.23 6.18 -0.37
C GLY B 121 -26.54 6.19 1.11
N ILE B 122 -26.54 7.41 1.71
CA ILE B 122 -26.83 7.66 3.12
C ILE B 122 -28.21 8.30 3.09
N TYR B 123 -29.19 7.70 3.84
CA TYR B 123 -30.62 8.05 3.83
C TYR B 123 -31.07 8.86 4.98
N PHE B 124 -31.91 9.86 4.67
CA PHE B 124 -32.47 10.82 5.63
C PHE B 124 -33.95 10.98 5.37
N ALA B 125 -34.71 11.40 6.40
CA ALA B 125 -36.16 11.56 6.31
C ALA B 125 -36.56 12.84 6.90
N GLU B 126 -37.66 13.41 6.41
CA GLU B 126 -38.20 14.64 7.00
C GLU B 126 -39.30 14.30 8.04
N ASN B 127 -39.56 12.98 8.28
CA ASN B 127 -40.48 12.50 9.30
C ASN B 127 -39.65 11.67 10.27
N SER B 128 -39.58 12.12 11.54
CA SER B 128 -38.81 11.50 12.63
C SER B 128 -39.20 10.06 12.86
N SER B 129 -40.49 9.72 12.65
CA SER B 129 -41.00 8.36 12.84
C SER B 129 -40.56 7.41 11.71
N LYS B 130 -40.12 7.95 10.55
CA LYS B 130 -39.55 7.13 9.47
C LYS B 130 -38.17 6.69 9.90
N SER B 131 -37.35 7.63 10.39
CA SER B 131 -35.99 7.44 10.85
C SER B 131 -36.01 6.57 12.12
N ASN B 132 -37.04 6.74 12.98
CA ASN B 132 -37.26 5.89 14.15
C ASN B 132 -37.34 4.39 13.79
N GLN B 133 -37.74 4.07 12.56
CA GLN B 133 -37.85 2.69 12.06
C GLN B 133 -36.52 2.02 11.80
N TYR B 134 -35.43 2.81 11.79
CA TYR B 134 -34.08 2.38 11.48
C TYR B 134 -33.11 2.44 12.63
N VAL B 135 -33.54 2.91 13.84
CA VAL B 135 -32.62 3.02 14.99
C VAL B 135 -32.03 1.70 15.44
N TYR B 136 -32.79 0.59 15.33
CA TYR B 136 -32.30 -0.75 15.69
C TYR B 136 -31.84 -1.57 14.48
N GLY B 137 -31.77 -0.93 13.33
CA GLY B 137 -31.36 -1.54 12.08
C GLY B 137 -32.42 -1.45 11.00
N ILE B 138 -32.13 -2.06 9.83
CA ILE B 138 -33.06 -2.12 8.70
C ILE B 138 -34.33 -2.86 9.15
N GLY B 139 -35.49 -2.27 8.88
CA GLY B 139 -36.77 -2.84 9.28
C GLY B 139 -36.97 -2.95 10.77
N GLY B 140 -36.14 -2.22 11.53
CA GLY B 140 -36.14 -2.25 12.99
C GLY B 140 -35.26 -3.31 13.60
N GLY B 141 -34.56 -4.08 12.73
CA GLY B 141 -33.72 -5.21 13.17
C GLY B 141 -34.51 -6.15 14.07
N THR B 142 -33.89 -6.56 15.20
CA THR B 142 -34.58 -7.38 16.21
C THR B 142 -35.01 -6.49 17.41
N GLY B 143 -35.22 -5.19 17.16
CA GLY B 143 -35.62 -4.23 18.18
C GLY B 143 -34.55 -3.91 19.21
N CYS B 144 -34.97 -3.54 20.42
CA CYS B 144 -34.07 -3.15 21.53
C CYS B 144 -33.17 -4.32 21.94
N PRO B 145 -31.92 -4.06 22.38
CA PRO B 145 -31.03 -5.18 22.74
C PRO B 145 -31.51 -6.03 23.92
N VAL B 146 -32.16 -5.40 24.91
CA VAL B 146 -32.65 -6.00 26.15
C VAL B 146 -33.86 -6.90 25.99
N HIS B 147 -34.92 -6.37 25.38
CA HIS B 147 -36.18 -7.09 25.29
C HIS B 147 -36.47 -7.67 23.92
N LYS B 148 -35.62 -7.37 22.91
CA LYS B 148 -35.80 -7.76 21.50
C LYS B 148 -37.20 -7.30 21.01
N ASP B 149 -37.53 -6.04 21.33
CA ASP B 149 -38.81 -5.46 20.99
C ASP B 149 -38.66 -4.17 20.20
N ARG B 150 -39.23 -4.15 18.97
CA ARG B 150 -39.24 -2.99 18.09
C ARG B 150 -40.15 -1.88 18.64
N SER B 151 -41.10 -2.25 19.51
CA SER B 151 -42.02 -1.32 20.14
C SER B 151 -41.74 -1.12 21.65
N CYS B 152 -40.50 -1.43 22.10
CA CYS B 152 -40.08 -1.20 23.48
C CYS B 152 -40.33 0.25 23.91
N TYR B 153 -40.96 0.43 25.09
CA TYR B 153 -41.29 1.71 25.67
C TYR B 153 -40.34 2.03 26.84
N ILE B 154 -39.49 1.05 27.19
CA ILE B 154 -38.58 1.11 28.32
C ILE B 154 -37.24 1.65 27.89
N CYS B 155 -36.62 0.96 26.92
CA CYS B 155 -35.30 1.25 26.39
C CYS B 155 -35.26 2.60 25.69
N HIS B 156 -34.15 3.32 25.88
CA HIS B 156 -33.94 4.66 25.33
C HIS B 156 -33.37 4.55 23.92
N ARG B 157 -33.90 5.36 23.03
CA ARG B 157 -33.49 5.39 21.63
C ARG B 157 -32.70 6.68 21.36
N GLN B 158 -31.95 6.70 20.26
CA GLN B 158 -31.20 7.87 19.81
C GLN B 158 -31.36 8.07 18.30
N LEU B 159 -31.70 9.29 17.93
CA LEU B 159 -31.92 9.72 16.56
C LEU B 159 -31.04 10.94 16.33
N LEU B 160 -30.60 11.18 15.08
CA LEU B 160 -29.85 12.41 14.77
C LEU B 160 -30.73 13.31 13.93
N PHE B 161 -30.75 14.62 14.20
CA PHE B 161 -31.43 15.66 13.40
C PHE B 161 -30.25 16.39 12.78
N CYS B 162 -30.10 16.25 11.44
CA CYS B 162 -28.89 16.64 10.72
C CYS B 162 -29.01 17.79 9.81
N ARG B 163 -27.87 18.46 9.59
CA ARG B 163 -27.74 19.48 8.55
C ARG B 163 -27.35 18.67 7.29
N VAL B 164 -28.18 18.68 6.24
CA VAL B 164 -27.90 17.94 4.99
C VAL B 164 -27.83 18.83 3.73
N THR B 165 -26.71 18.73 2.98
CA THR B 165 -26.53 19.46 1.73
C THR B 165 -27.11 18.64 0.59
N LEU B 166 -28.22 19.08 0.00
CA LEU B 166 -28.84 18.41 -1.13
C LEU B 166 -28.37 18.90 -2.49
N GLY B 167 -27.94 20.17 -2.56
CA GLY B 167 -27.56 20.83 -3.82
C GLY B 167 -28.61 20.64 -4.91
N LYS B 168 -28.15 20.29 -6.12
CA LYS B 168 -29.03 19.95 -7.25
C LYS B 168 -29.52 18.53 -7.00
N SER B 169 -30.73 18.39 -6.42
CA SER B 169 -31.27 17.10 -6.05
C SER B 169 -32.03 16.42 -7.18
N PHE B 170 -31.75 15.14 -7.44
CA PHE B 170 -32.36 14.40 -8.53
C PHE B 170 -33.65 13.77 -8.05
N LEU B 171 -34.79 14.29 -8.54
CA LEU B 171 -36.14 13.87 -8.16
C LEU B 171 -36.50 12.54 -8.75
N GLN B 172 -36.96 11.62 -7.91
CA GLN B 172 -37.32 10.29 -8.41
C GLN B 172 -38.56 9.76 -7.71
N PHE B 173 -39.37 8.94 -8.42
CA PHE B 173 -40.61 8.37 -7.87
C PHE B 173 -40.51 6.89 -7.53
N SER B 174 -39.79 6.15 -8.34
CA SER B 174 -39.62 4.71 -8.17
C SER B 174 -38.15 4.37 -7.91
N ALA B 175 -37.88 3.08 -7.63
CA ALA B 175 -36.55 2.51 -7.41
C ALA B 175 -35.59 2.87 -8.55
N MET B 176 -34.37 3.30 -8.18
CA MET B 176 -33.32 3.72 -9.10
C MET B 176 -32.03 3.52 -8.33
N LYS B 177 -31.43 2.33 -8.46
CA LYS B 177 -30.20 1.95 -7.75
C LYS B 177 -29.00 2.69 -8.27
N MET B 178 -28.54 3.67 -7.52
CA MET B 178 -27.38 4.48 -7.88
C MET B 178 -26.21 4.05 -7.01
N ALA B 179 -25.01 4.27 -7.48
CA ALA B 179 -23.77 4.05 -6.75
C ALA B 179 -23.29 5.43 -6.30
N HIS B 180 -23.62 6.46 -7.09
CA HIS B 180 -23.25 7.86 -6.84
C HIS B 180 -24.39 8.77 -7.28
N SER B 181 -24.30 10.08 -7.01
CA SER B 181 -25.29 11.03 -7.49
C SER B 181 -25.36 10.98 -9.02
N PRO B 182 -26.54 11.23 -9.59
CA PRO B 182 -26.65 11.30 -11.06
C PRO B 182 -25.80 12.41 -11.65
N PRO B 183 -25.28 12.25 -12.90
CA PRO B 183 -24.46 13.31 -13.49
C PRO B 183 -25.13 14.70 -13.32
N GLY B 184 -24.34 15.67 -12.87
CA GLY B 184 -24.78 17.04 -12.62
C GLY B 184 -25.50 17.29 -11.30
N HIS B 185 -25.78 16.22 -10.52
CA HIS B 185 -26.52 16.29 -9.26
C HIS B 185 -25.67 16.02 -8.01
N HIS B 186 -26.19 16.40 -6.80
CA HIS B 186 -25.51 16.28 -5.51
C HIS B 186 -26.22 15.36 -4.50
N SER B 187 -27.40 14.85 -4.88
CA SER B 187 -28.24 13.99 -4.02
C SER B 187 -29.42 13.47 -4.80
N VAL B 188 -30.20 12.57 -4.17
CA VAL B 188 -31.41 12.02 -4.78
C VAL B 188 -32.57 12.29 -3.83
N THR B 189 -33.71 12.77 -4.34
CA THR B 189 -34.90 13.01 -3.50
C THR B 189 -35.92 11.98 -3.95
N GLY B 190 -36.32 11.12 -3.04
CA GLY B 190 -37.39 10.16 -3.30
C GLY B 190 -38.68 10.88 -2.94
N ARG B 191 -39.53 11.19 -3.93
CA ARG B 191 -40.79 11.89 -3.73
C ARG B 191 -41.98 10.97 -3.51
N PRO B 192 -42.94 11.33 -2.61
CA PRO B 192 -44.14 10.46 -2.46
C PRO B 192 -45.07 10.51 -3.68
N SER B 193 -45.69 9.37 -4.00
CA SER B 193 -46.62 9.11 -5.11
C SER B 193 -47.49 7.86 -4.80
N VAL B 194 -48.70 7.77 -5.42
CA VAL B 194 -49.59 6.60 -5.27
C VAL B 194 -48.94 5.34 -5.85
N ASN B 195 -48.95 4.26 -5.05
CA ASN B 195 -48.31 2.96 -5.35
C ASN B 195 -46.76 3.02 -5.29
N GLY B 196 -46.24 4.18 -4.84
CA GLY B 196 -44.82 4.45 -4.63
C GLY B 196 -44.52 4.71 -3.17
N LEU B 197 -43.64 5.69 -2.88
CA LEU B 197 -43.27 6.08 -1.51
C LEU B 197 -44.51 6.69 -0.82
N ALA B 198 -44.68 6.40 0.47
CA ALA B 198 -45.74 6.99 1.29
C ALA B 198 -45.22 8.35 1.79
N LEU B 199 -43.89 8.40 2.10
CA LEU B 199 -43.21 9.60 2.63
C LEU B 199 -41.89 9.85 1.91
N ALA B 200 -41.37 11.08 2.00
CA ALA B 200 -40.12 11.47 1.36
C ALA B 200 -38.89 10.81 2.00
N GLU B 201 -37.82 10.72 1.21
CA GLU B 201 -36.50 10.30 1.65
C GLU B 201 -35.48 10.97 0.81
N TYR B 202 -34.38 11.35 1.44
CA TYR B 202 -33.30 12.13 0.86
C TYR B 202 -32.02 11.33 0.96
N VAL B 203 -31.29 11.27 -0.15
CA VAL B 203 -30.09 10.43 -0.29
C VAL B 203 -28.91 11.20 -0.78
N ILE B 204 -27.81 11.13 -0.04
CA ILE B 204 -26.50 11.66 -0.41
C ILE B 204 -25.55 10.47 -0.62
N TYR B 205 -24.56 10.67 -1.47
CA TYR B 205 -23.60 9.62 -1.83
C TYR B 205 -22.19 9.99 -1.37
N ARG B 206 -22.06 11.07 -0.58
CA ARG B 206 -20.80 11.54 0.04
C ARG B 206 -21.09 11.90 1.47
N GLY B 207 -20.34 11.27 2.38
CA GLY B 207 -20.48 11.52 3.82
C GLY B 207 -20.35 12.97 4.24
N GLU B 208 -19.54 13.74 3.51
CA GLU B 208 -19.27 15.17 3.86
C GLU B 208 -20.41 16.13 3.58
N GLN B 209 -21.49 15.63 2.94
CA GLN B 209 -22.69 16.39 2.64
C GLN B 209 -23.76 16.40 3.76
N ALA B 210 -23.45 15.82 4.93
CA ALA B 210 -24.31 15.87 6.11
C ALA B 210 -23.49 16.11 7.38
N TYR B 211 -24.08 16.85 8.35
CA TYR B 211 -23.44 17.14 9.63
C TYR B 211 -24.41 16.71 10.73
N PRO B 212 -23.96 15.83 11.68
CA PRO B 212 -24.85 15.37 12.76
C PRO B 212 -25.06 16.44 13.83
N GLU B 213 -25.90 17.43 13.52
CA GLU B 213 -26.11 18.57 14.40
C GLU B 213 -26.67 18.31 15.80
N TYR B 214 -27.74 17.52 15.91
CA TYR B 214 -28.35 17.23 17.21
C TYR B 214 -28.49 15.77 17.44
N LEU B 215 -28.08 15.31 18.64
CA LEU B 215 -28.28 13.93 19.07
C LEU B 215 -29.53 13.98 19.97
N ILE B 216 -30.61 13.24 19.58
CA ILE B 216 -31.88 13.22 20.31
C ILE B 216 -32.05 11.88 21.09
N THR B 217 -32.11 11.95 22.45
CA THR B 217 -32.32 10.77 23.32
C THR B 217 -33.80 10.73 23.68
N TYR B 218 -34.44 9.58 23.45
CA TYR B 218 -35.88 9.53 23.65
C TYR B 218 -36.43 8.14 23.84
N GLN B 219 -37.71 8.10 24.11
CA GLN B 219 -38.48 6.87 24.15
C GLN B 219 -39.70 7.07 23.28
N ILE B 220 -40.27 5.99 22.73
CA ILE B 220 -41.57 6.09 22.05
C ILE B 220 -42.58 5.95 23.20
N MET B 221 -43.63 6.76 23.21
CA MET B 221 -44.60 6.70 24.28
C MET B 221 -45.76 5.79 23.99
N ARG B 222 -46.12 4.96 24.99
CA ARG B 222 -47.27 4.05 24.87
C ARG B 222 -48.54 4.88 24.67
N PRO B 223 -49.32 4.64 23.59
CA PRO B 223 -50.55 5.42 23.39
C PRO B 223 -51.65 5.04 24.39
N ASN C 16 21.10 4.44 30.50
CA ASN C 16 20.39 3.24 30.04
C ASN C 16 19.48 3.55 28.83
N LEU C 17 18.99 2.50 28.16
CA LEU C 17 18.12 2.61 26.99
C LEU C 17 16.65 2.80 27.36
N TYR C 18 16.23 2.23 28.51
CA TYR C 18 14.85 2.25 29.03
C TYR C 18 14.55 3.50 29.85
N PHE C 19 13.53 4.27 29.45
CA PHE C 19 13.10 5.49 30.13
C PHE C 19 11.62 5.38 30.49
N GLN C 20 11.31 5.35 31.81
CA GLN C 20 9.92 5.19 32.30
C GLN C 20 8.94 6.22 31.72
N GLY C 21 7.86 5.71 31.17
CA GLY C 21 6.83 6.53 30.53
C GLY C 21 5.98 7.30 31.50
N SER C 22 5.71 8.59 31.17
CA SER C 22 4.85 9.49 31.92
C SER C 22 3.40 9.05 31.63
N PRO C 23 2.71 8.48 32.64
CA PRO C 23 1.32 7.98 32.47
C PRO C 23 0.29 9.04 32.03
N ASP C 24 0.51 10.31 32.42
CA ASP C 24 -0.32 11.48 32.10
C ASP C 24 -0.13 11.94 30.65
N ASP C 25 1.02 11.61 30.03
CA ASP C 25 1.40 11.98 28.67
C ASP C 25 0.42 11.46 27.62
N LYS C 26 0.10 12.29 26.61
CA LYS C 26 -0.80 11.97 25.48
C LYS C 26 -0.17 10.82 24.67
N GLU C 27 1.16 10.86 24.57
CA GLU C 27 2.04 9.93 23.89
C GLU C 27 1.88 8.53 24.47
N PHE C 28 1.93 8.38 25.80
CA PHE C 28 1.79 7.08 26.45
C PHE C 28 0.36 6.56 26.48
N GLN C 29 -0.62 7.49 26.53
CA GLN C 29 -2.06 7.19 26.46
C GLN C 29 -2.37 6.60 25.07
N SER C 30 -1.69 7.13 24.05
CA SER C 30 -1.85 6.75 22.65
C SER C 30 -1.40 5.32 22.37
N VAL C 31 -0.27 4.89 22.99
CA VAL C 31 0.30 3.55 22.88
C VAL C 31 -0.67 2.52 23.46
N GLU C 32 -1.16 2.77 24.70
CA GLU C 32 -2.11 1.90 25.40
C GLU C 32 -3.37 1.72 24.56
N GLU C 33 -3.93 2.82 24.06
CA GLU C 33 -5.13 2.78 23.23
C GLU C 33 -4.89 1.98 21.95
N GLU C 34 -3.69 2.08 21.38
CA GLU C 34 -3.36 1.34 20.18
C GLU C 34 -3.30 -0.16 20.51
N MET C 35 -2.78 -0.46 21.68
CA MET C 35 -2.61 -1.81 22.18
C MET C 35 -3.98 -2.45 22.44
N GLN C 36 -4.86 -1.75 23.19
CA GLN C 36 -6.22 -2.21 23.51
C GLN C 36 -7.19 -2.23 22.31
N SER C 37 -7.22 -1.15 21.51
CA SER C 37 -8.18 -1.07 20.40
C SER C 37 -7.92 -1.98 19.18
N THR C 38 -6.70 -2.56 19.07
CA THR C 38 -6.34 -3.41 17.92
C THR C 38 -6.49 -4.91 18.24
N VAL C 39 -6.98 -5.24 19.43
CA VAL C 39 -7.25 -6.64 19.81
C VAL C 39 -8.35 -7.23 18.90
N ARG C 40 -8.14 -8.46 18.42
CA ARG C 40 -9.12 -9.14 17.57
C ARG C 40 -9.27 -10.57 18.05
N GLU C 41 -10.36 -11.21 17.62
CA GLU C 41 -10.68 -12.61 17.86
C GLU C 41 -9.85 -13.41 16.87
N HIS C 42 -9.13 -14.41 17.35
CA HIS C 42 -8.28 -15.19 16.47
C HIS C 42 -8.91 -16.51 16.03
N ARG C 43 -8.58 -16.96 14.81
CA ARG C 43 -9.07 -18.21 14.20
C ARG C 43 -8.75 -19.43 15.04
N ASP C 44 -7.56 -19.46 15.69
CA ASP C 44 -7.09 -20.56 16.52
C ASP C 44 -7.84 -20.73 17.87
N GLY C 45 -8.75 -19.83 18.18
CA GLY C 45 -9.55 -19.89 19.40
C GLY C 45 -8.80 -19.44 20.64
N GLY C 46 -7.59 -18.90 20.43
CA GLY C 46 -6.75 -18.41 21.50
C GLY C 46 -5.62 -19.36 21.83
N HIS C 47 -5.48 -20.41 21.04
CA HIS C 47 -4.46 -21.44 21.20
C HIS C 47 -3.03 -20.87 21.29
N ALA C 48 -2.66 -19.96 20.40
CA ALA C 48 -1.31 -19.42 20.43
C ALA C 48 -1.05 -18.38 21.54
N GLY C 49 -1.91 -17.36 21.68
CA GLY C 49 -1.69 -16.26 22.60
C GLY C 49 -2.53 -16.14 23.85
N GLY C 50 -3.52 -17.03 23.98
CA GLY C 50 -4.43 -17.06 25.14
C GLY C 50 -5.81 -16.53 24.82
N ILE C 51 -6.71 -16.59 25.81
CA ILE C 51 -8.10 -16.14 25.68
C ILE C 51 -8.28 -14.82 26.46
N PHE C 52 -8.62 -13.74 25.75
CA PHE C 52 -8.74 -12.41 26.34
C PHE C 52 -9.42 -11.48 25.36
N ASN C 53 -9.92 -10.35 25.85
CA ASN C 53 -10.52 -9.28 25.08
C ASN C 53 -9.74 -7.97 25.29
N ARG C 54 -8.92 -7.92 26.37
CA ARG C 54 -8.16 -6.74 26.73
C ARG C 54 -6.97 -7.10 27.54
N TYR C 55 -6.08 -6.12 27.78
CA TYR C 55 -4.88 -6.36 28.55
C TYR C 55 -4.93 -5.49 29.77
N ASN C 56 -4.08 -5.82 30.74
CA ASN C 56 -3.82 -4.95 31.84
C ASN C 56 -2.41 -4.41 31.54
N ILE C 57 -2.31 -3.17 31.06
CA ILE C 57 -1.04 -2.50 30.71
C ILE C 57 -0.35 -2.09 32.01
N LEU C 58 0.83 -2.64 32.25
CA LEU C 58 1.55 -2.37 33.50
C LEU C 58 2.54 -1.23 33.42
N LYS C 59 3.19 -1.10 32.27
CA LYS C 59 4.30 -0.18 32.06
C LYS C 59 4.57 0.01 30.58
N ILE C 60 4.88 1.25 30.20
CA ILE C 60 5.26 1.60 28.85
C ILE C 60 6.59 2.34 28.95
N GLN C 61 7.68 1.70 28.49
CA GLN C 61 9.00 2.37 28.53
C GLN C 61 9.38 2.86 27.15
N LYS C 62 10.06 4.03 27.08
CA LYS C 62 10.54 4.54 25.78
C LYS C 62 11.98 4.06 25.63
N VAL C 63 12.34 3.53 24.44
CA VAL C 63 13.66 2.98 24.14
C VAL C 63 14.48 4.05 23.44
N CYS C 64 15.62 4.41 24.03
CA CYS C 64 16.52 5.44 23.54
C CYS C 64 17.90 4.85 23.33
N ASN C 65 18.11 4.37 22.10
CA ASN C 65 19.33 3.72 21.64
C ASN C 65 19.82 4.53 20.45
N LYS C 66 20.86 5.36 20.67
CA LYS C 66 21.41 6.25 19.66
C LYS C 66 21.86 5.56 18.40
N LYS C 67 22.66 4.48 18.53
CA LYS C 67 23.17 3.73 17.36
C LYS C 67 22.00 3.21 16.52
N LEU C 68 20.99 2.60 17.16
CA LEU C 68 19.81 2.11 16.45
C LEU C 68 19.02 3.20 15.77
N TRP C 69 18.79 4.34 16.45
CA TRP C 69 18.01 5.47 15.90
C TRP C 69 18.65 6.07 14.64
N GLU C 70 19.97 6.31 14.65
CA GLU C 70 20.74 6.86 13.52
C GLU C 70 20.71 5.88 12.32
N ARG C 71 20.86 4.58 12.60
CA ARG C 71 20.85 3.51 11.60
C ARG C 71 19.47 3.51 10.96
N TYR C 72 18.43 3.69 11.79
CA TYR C 72 17.03 3.76 11.36
C TYR C 72 16.75 5.02 10.55
N THR C 73 17.13 6.20 11.07
CA THR C 73 16.84 7.44 10.33
C THR C 73 17.59 7.56 9.02
N HIS C 74 18.82 6.99 8.94
CA HIS C 74 19.65 6.98 7.74
C HIS C 74 18.96 6.15 6.65
N ARG C 75 18.44 4.98 7.03
CA ARG C 75 17.72 4.09 6.13
C ARG C 75 16.38 4.71 5.75
N ARG C 76 15.68 5.35 6.71
CA ARG C 76 14.40 5.99 6.43
C ARG C 76 14.52 7.09 5.35
N LYS C 77 15.59 7.91 5.43
CA LYS C 77 15.87 8.99 4.45
C LYS C 77 16.12 8.41 3.06
N GLU C 78 16.83 7.27 2.99
CA GLU C 78 17.17 6.53 1.78
C GLU C 78 15.95 5.94 1.08
N VAL C 79 15.03 5.35 1.88
CA VAL C 79 13.78 4.77 1.35
C VAL C 79 12.88 5.90 0.83
N SER C 80 12.75 7.02 1.58
CA SER C 80 11.97 8.19 1.13
C SER C 80 12.41 8.64 -0.25
N GLU C 81 13.74 8.75 -0.48
CA GLU C 81 14.36 9.20 -1.76
C GLU C 81 14.10 8.27 -2.94
N GLU C 82 13.85 6.98 -2.67
CA GLU C 82 13.51 5.92 -3.65
C GLU C 82 11.99 5.77 -3.80
N ASN C 83 11.22 6.47 -2.97
CA ASN C 83 9.76 6.35 -2.98
C ASN C 83 9.05 7.71 -3.07
N HIS C 84 9.52 8.59 -3.98
CA HIS C 84 8.96 9.93 -4.26
C HIS C 84 8.79 10.77 -2.99
N ASN C 85 9.81 10.72 -2.14
CA ASN C 85 9.87 11.44 -0.87
C ASN C 85 8.88 11.01 0.22
N HIS C 86 8.49 9.73 0.18
CA HIS C 86 7.66 9.15 1.22
C HIS C 86 8.23 7.84 1.78
N ALA C 87 8.55 7.87 3.08
CA ALA C 87 9.10 6.76 3.87
C ALA C 87 8.07 5.67 4.06
N ASN C 88 6.77 6.06 4.08
CA ASN C 88 5.60 5.20 4.37
C ASN C 88 5.87 4.50 5.71
N GLU C 89 6.12 5.30 6.72
CA GLU C 89 6.44 4.78 8.04
C GLU C 89 5.16 4.52 8.87
N ARG C 90 5.14 3.39 9.58
CA ARG C 90 4.02 3.00 10.44
C ARG C 90 4.44 2.59 11.82
N MET C 91 3.57 2.76 12.81
CA MET C 91 3.80 2.31 14.17
C MET C 91 3.20 0.90 14.21
N LEU C 92 4.05 -0.13 14.38
CA LEU C 92 3.59 -1.53 14.32
C LEU C 92 4.09 -2.37 15.48
N PHE C 93 3.33 -3.40 15.85
CA PHE C 93 3.68 -4.26 17.00
C PHE C 93 4.65 -5.35 16.59
N HIS C 94 5.47 -5.83 17.51
CA HIS C 94 6.37 -6.97 17.32
C HIS C 94 6.46 -7.79 18.63
N GLY C 95 6.13 -9.09 18.56
CA GLY C 95 6.15 -10.03 19.67
C GLY C 95 7.28 -11.02 19.48
N SER C 96 8.10 -11.23 20.53
CA SER C 96 9.27 -12.10 20.42
C SER C 96 9.90 -12.43 21.77
N PRO C 97 10.39 -13.67 21.97
CA PRO C 97 11.17 -13.96 23.20
C PRO C 97 12.50 -13.22 23.28
N PHE C 98 12.96 -12.65 22.16
CA PHE C 98 14.25 -11.96 22.07
C PHE C 98 14.15 -10.46 22.17
N VAL C 99 13.07 -9.94 22.78
CA VAL C 99 12.79 -8.52 23.00
C VAL C 99 14.01 -7.73 23.54
N ASN C 100 14.80 -8.36 24.43
CA ASN C 100 15.94 -7.69 25.04
C ASN C 100 17.13 -7.57 24.14
N ALA C 101 17.40 -8.57 23.29
CA ALA C 101 18.50 -8.48 22.32
C ALA C 101 18.12 -7.43 21.26
N ILE C 102 16.82 -7.35 20.88
CA ILE C 102 16.32 -6.38 19.89
C ILE C 102 16.55 -4.96 20.33
N ILE C 103 16.29 -4.67 21.60
CA ILE C 103 16.44 -3.35 22.20
C ILE C 103 17.93 -2.90 22.23
N HIS C 104 18.83 -3.84 22.47
CA HIS C 104 20.27 -3.52 22.56
C HIS C 104 20.96 -3.54 21.20
N LYS C 105 20.73 -4.61 20.42
CA LYS C 105 21.39 -4.86 19.15
C LYS C 105 20.56 -4.47 17.94
N GLY C 106 19.25 -4.27 18.13
CA GLY C 106 18.34 -3.90 17.04
C GLY C 106 17.79 -5.08 16.30
N PHE C 107 16.89 -4.84 15.36
CA PHE C 107 16.32 -5.89 14.55
C PHE C 107 17.43 -6.38 13.63
N ASP C 108 17.43 -7.66 13.27
CA ASP C 108 18.51 -8.23 12.45
C ASP C 108 17.98 -9.24 11.45
N GLU C 109 18.04 -8.90 10.13
CA GLU C 109 17.59 -9.80 9.06
C GLU C 109 18.38 -11.15 9.01
N ARG C 110 19.60 -11.16 9.62
CA ARG C 110 20.43 -12.36 9.77
C ARG C 110 19.81 -13.38 10.75
N HIS C 111 18.77 -12.97 11.49
CA HIS C 111 17.96 -13.79 12.43
C HIS C 111 16.48 -13.80 11.97
N ALA C 112 16.24 -13.50 10.68
CA ALA C 112 14.89 -13.38 10.11
C ALA C 112 14.05 -14.64 10.26
N TYR C 113 12.73 -14.48 10.47
CA TYR C 113 11.81 -15.62 10.58
C TYR C 113 11.63 -16.27 9.19
N ILE C 114 12.53 -17.21 8.91
CA ILE C 114 12.72 -17.88 7.65
C ILE C 114 11.49 -18.57 7.09
N GLY C 115 10.66 -19.17 7.92
CA GLY C 115 9.50 -19.86 7.39
C GLY C 115 8.19 -19.68 8.05
N GLY C 116 7.58 -18.50 7.99
CA GLY C 116 7.89 -17.44 7.09
C GLY C 116 6.93 -17.41 5.92
N MET C 117 5.68 -16.99 6.10
CA MET C 117 4.79 -16.79 4.97
C MET C 117 5.41 -16.01 3.81
N PHE C 118 6.11 -14.97 4.11
CA PHE C 118 6.75 -14.14 3.09
C PHE C 118 8.28 -14.28 3.04
N GLY C 119 8.76 -15.43 3.48
CA GLY C 119 10.19 -15.73 3.44
C GLY C 119 11.02 -15.18 4.57
N ALA C 120 12.32 -14.94 4.32
CA ALA C 120 13.29 -14.51 5.34
C ALA C 120 13.24 -13.02 5.68
N GLY C 121 12.15 -12.59 6.26
CA GLY C 121 12.04 -11.19 6.68
C GLY C 121 11.76 -11.08 8.14
N ILE C 122 11.57 -9.82 8.64
CA ILE C 122 11.22 -9.45 10.02
C ILE C 122 9.74 -9.01 10.00
N TYR C 123 8.88 -9.74 10.73
CA TYR C 123 7.41 -9.60 10.72
C TYR C 123 6.83 -8.71 11.77
N PHE C 124 5.83 -7.90 11.37
CA PHE C 124 5.14 -6.98 12.30
C PHE C 124 3.64 -7.08 12.08
N ALA C 125 2.87 -6.68 13.10
CA ALA C 125 1.42 -6.71 13.00
C ALA C 125 0.84 -5.36 13.42
N GLU C 126 -0.30 -4.98 12.83
CA GLU C 126 -1.02 -3.77 13.22
C GLU C 126 -2.01 -4.13 14.34
N ASN C 127 -2.13 -5.42 14.64
CA ASN C 127 -3.02 -5.91 15.68
C ASN C 127 -2.18 -6.44 16.81
N SER C 128 -2.22 -5.77 17.98
CA SER C 128 -1.43 -6.19 19.15
C SER C 128 -1.65 -7.67 19.51
N SER C 129 -2.92 -8.17 19.44
CA SER C 129 -3.23 -9.57 19.75
C SER C 129 -2.62 -10.57 18.75
N LYS C 130 -2.28 -10.10 17.52
CA LYS C 130 -1.56 -10.95 16.56
C LYS C 130 -0.11 -11.10 17.03
N SER C 131 0.57 -9.99 17.42
CA SER C 131 1.95 -10.04 17.95
C SER C 131 2.05 -10.77 19.29
N ASN C 132 0.92 -10.84 20.05
CA ASN C 132 0.88 -11.52 21.35
C ASN C 132 1.06 -13.07 21.16
N GLN C 133 0.66 -13.58 20.00
CA GLN C 133 0.81 -14.98 19.65
C GLN C 133 2.27 -15.40 19.47
N TYR C 134 3.23 -14.45 19.48
CA TYR C 134 4.67 -14.74 19.27
C TYR C 134 5.62 -14.43 20.43
N VAL C 135 5.14 -13.82 21.50
CA VAL C 135 5.99 -13.44 22.64
C VAL C 135 6.71 -14.63 23.31
N TYR C 136 6.05 -15.80 23.37
CA TYR C 136 6.62 -17.03 23.92
C TYR C 136 7.17 -17.96 22.82
N GLY C 137 7.32 -17.44 21.60
CA GLY C 137 7.84 -18.16 20.44
C GLY C 137 6.81 -18.43 19.37
N ILE C 138 7.22 -19.14 18.26
CA ILE C 138 6.31 -19.48 17.16
C ILE C 138 5.10 -20.30 17.65
N GLY C 139 3.90 -19.82 17.32
CA GLY C 139 2.64 -20.41 17.74
C GLY C 139 2.37 -20.37 19.24
N GLY C 140 3.11 -19.52 19.95
CA GLY C 140 3.01 -19.33 21.39
C GLY C 140 3.98 -20.16 22.20
N GLY C 141 4.80 -20.95 21.51
CA GLY C 141 5.77 -21.86 22.13
C GLY C 141 5.13 -22.87 23.07
N THR C 142 5.71 -23.00 24.26
CA THR C 142 5.19 -23.84 25.35
C THR C 142 4.47 -22.91 26.35
N GLY C 143 4.42 -21.62 26.04
CA GLY C 143 3.75 -20.63 26.88
C GLY C 143 4.69 -19.97 27.85
N CYS C 144 4.13 -19.42 28.95
CA CYS C 144 4.92 -18.73 29.98
C CYS C 144 6.03 -19.65 30.59
N PRO C 145 7.24 -19.15 30.89
CA PRO C 145 8.27 -20.05 31.46
C PRO C 145 7.87 -20.75 32.78
N VAL C 146 7.23 -20.04 33.74
CA VAL C 146 6.85 -20.64 35.04
C VAL C 146 5.70 -21.68 35.02
N HIS C 147 4.57 -21.37 34.40
CA HIS C 147 3.43 -22.30 34.36
C HIS C 147 3.25 -23.10 33.07
N LYS C 148 4.06 -22.82 32.02
CA LYS C 148 3.98 -23.47 30.69
C LYS C 148 2.56 -23.31 30.13
N ASP C 149 2.04 -22.09 30.30
CA ASP C 149 0.69 -21.70 29.96
C ASP C 149 0.68 -20.54 28.94
N ARG C 150 0.19 -20.84 27.71
CA ARG C 150 0.07 -19.89 26.62
C ARG C 150 -1.03 -18.89 26.95
N SER C 151 -1.97 -19.28 27.83
CA SER C 151 -3.04 -18.39 28.27
C SER C 151 -2.87 -17.84 29.70
N CYS C 152 -1.61 -17.85 30.23
CA CYS C 152 -1.30 -17.36 31.59
C CYS C 152 -1.73 -15.93 31.79
N TYR C 153 -2.60 -15.72 32.80
CA TYR C 153 -3.09 -14.41 33.18
C TYR C 153 -2.21 -13.78 34.27
N ILE C 154 -1.22 -14.53 34.79
CA ILE C 154 -0.34 -14.14 35.90
C ILE C 154 1.00 -13.55 35.45
N CYS C 155 1.74 -14.29 34.59
CA CYS C 155 3.05 -13.83 34.12
C CYS C 155 2.97 -12.58 33.25
N HIS C 156 3.99 -11.72 33.40
CA HIS C 156 4.14 -10.46 32.71
C HIS C 156 4.79 -10.68 31.34
N ARG C 157 4.09 -10.22 30.29
CA ARG C 157 4.53 -10.34 28.90
C ARG C 157 5.08 -8.98 28.44
N GLN C 158 5.88 -8.99 27.39
CA GLN C 158 6.44 -7.79 26.80
C GLN C 158 6.24 -7.85 25.29
N LEU C 159 5.87 -6.71 24.71
CA LEU C 159 5.64 -6.54 23.27
C LEU C 159 6.40 -5.25 22.89
N LEU C 160 6.88 -5.14 21.64
CA LEU C 160 7.46 -3.88 21.15
C LEU C 160 6.46 -3.12 20.24
N PHE C 161 6.45 -1.80 20.30
CA PHE C 161 5.63 -0.93 19.43
C PHE C 161 6.70 -0.16 18.68
N CYS C 162 6.86 -0.50 17.42
CA CYS C 162 7.97 -0.05 16.60
C CYS C 162 7.68 0.94 15.55
N ARG C 163 8.72 1.71 15.18
CA ARG C 163 8.66 2.57 13.99
C ARG C 163 9.09 1.70 12.87
N VAL C 164 8.20 1.45 11.88
CA VAL C 164 8.60 0.58 10.75
C VAL C 164 8.51 1.35 9.42
N THR C 165 9.62 1.43 8.66
CA THR C 165 9.62 2.06 7.32
C THR C 165 9.17 1.00 6.30
N LEU C 166 8.05 1.24 5.63
CA LEU C 166 7.52 0.30 4.65
C LEU C 166 7.88 0.67 3.18
N GLY C 167 8.15 1.96 2.92
CA GLY C 167 8.39 2.48 1.57
C GLY C 167 7.30 2.03 0.61
N LYS C 168 7.68 1.61 -0.61
CA LYS C 168 6.74 1.05 -1.56
C LYS C 168 6.50 -0.39 -1.14
N SER C 169 5.35 -0.65 -0.50
CA SER C 169 5.04 -1.97 0.03
C SER C 169 4.35 -2.85 -0.97
N PHE C 170 4.86 -4.08 -1.13
CA PHE C 170 4.27 -5.02 -2.08
C PHE C 170 3.08 -5.67 -1.40
N LEU C 171 1.85 -5.47 -1.93
CA LEU C 171 0.62 -6.05 -1.41
C LEU C 171 0.50 -7.48 -1.89
N GLN C 172 0.16 -8.41 -0.98
CA GLN C 172 0.11 -9.83 -1.36
C GLN C 172 -0.84 -10.66 -0.48
N PHE C 173 -1.48 -11.68 -1.09
CA PHE C 173 -2.42 -12.59 -0.41
C PHE C 173 -1.81 -13.94 -0.05
N SER C 174 -1.12 -14.59 -1.02
CA SER C 174 -0.62 -15.93 -0.75
C SER C 174 0.86 -15.97 -0.37
N ALA C 175 1.32 -17.14 0.14
CA ALA C 175 2.71 -17.35 0.50
C ALA C 175 3.60 -16.98 -0.69
N MET C 176 4.64 -16.22 -0.41
CA MET C 176 5.57 -15.71 -1.41
C MET C 176 6.90 -15.62 -0.68
N LYS C 177 7.67 -16.71 -0.68
CA LYS C 177 8.94 -16.87 0.05
C LYS C 177 10.14 -16.03 -0.46
N MET C 178 10.13 -14.75 -0.10
CA MET C 178 11.15 -13.80 -0.47
C MET C 178 12.42 -13.98 0.40
N ALA C 179 13.58 -13.63 -0.15
CA ALA C 179 14.83 -13.56 0.58
C ALA C 179 15.00 -12.06 0.90
N HIS C 180 14.52 -11.17 -0.01
CA HIS C 180 14.62 -9.71 0.06
C HIS C 180 13.33 -9.09 -0.43
N SER C 181 13.24 -7.74 -0.39
CA SER C 181 12.06 -7.09 -0.92
C SER C 181 11.93 -7.40 -2.41
N PRO C 182 10.68 -7.51 -2.95
CA PRO C 182 10.54 -7.65 -4.40
C PRO C 182 11.21 -6.45 -5.10
N PRO C 183 11.74 -6.63 -6.35
CA PRO C 183 12.36 -5.49 -7.07
C PRO C 183 11.50 -4.22 -7.04
N GLY C 184 12.15 -3.07 -6.86
CA GLY C 184 11.46 -1.78 -6.76
C GLY C 184 10.68 -1.54 -5.46
N HIS C 185 10.62 -2.53 -4.54
CA HIS C 185 9.86 -2.42 -3.30
C HIS C 185 10.74 -2.39 -2.02
N HIS C 186 10.16 -1.98 -0.87
CA HIS C 186 10.89 -1.85 0.39
C HIS C 186 10.35 -2.75 1.50
N SER C 187 9.27 -3.46 1.21
CA SER C 187 8.64 -4.32 2.20
C SER C 187 7.53 -5.13 1.51
N VAL C 188 6.97 -6.10 2.25
CA VAL C 188 5.82 -6.90 1.83
C VAL C 188 4.69 -6.69 2.87
N THR C 189 3.46 -6.43 2.38
CA THR C 189 2.25 -6.37 3.20
C THR C 189 1.42 -7.57 2.83
N GLY C 190 1.21 -8.44 3.80
CA GLY C 190 0.32 -9.57 3.68
C GLY C 190 -1.09 -9.08 3.99
N ARG C 191 -2.01 -9.26 3.02
CA ARG C 191 -3.39 -8.82 3.16
C ARG C 191 -4.35 -9.94 3.44
N PRO C 192 -5.40 -9.72 4.27
CA PRO C 192 -6.37 -10.80 4.54
C PRO C 192 -7.13 -11.28 3.32
N SER C 193 -7.46 -12.58 3.33
CA SER C 193 -8.22 -13.29 2.32
C SER C 193 -8.92 -14.50 2.96
N VAL C 194 -9.98 -15.00 2.32
CA VAL C 194 -10.78 -16.13 2.82
C VAL C 194 -9.89 -17.37 3.02
N ASN C 195 -9.04 -17.65 2.01
CA ASN C 195 -8.13 -18.81 1.99
C ASN C 195 -6.66 -18.47 2.32
N GLY C 196 -6.44 -17.36 3.03
CA GLY C 196 -5.11 -16.90 3.42
C GLY C 196 -5.10 -16.30 4.81
N LEU C 197 -4.54 -15.09 4.97
CA LEU C 197 -4.44 -14.42 6.27
C LEU C 197 -5.77 -13.96 6.81
N ALA C 198 -5.94 -14.02 8.13
CA ALA C 198 -7.13 -13.53 8.81
C ALA C 198 -6.95 -12.02 9.01
N LEU C 199 -5.72 -11.60 9.37
CA LEU C 199 -5.35 -10.21 9.67
C LEU C 199 -4.09 -9.82 8.87
N ALA C 200 -3.80 -8.50 8.77
CA ALA C 200 -2.63 -8.03 8.04
C ALA C 200 -1.32 -8.32 8.79
N GLU C 201 -0.21 -8.34 8.05
CA GLU C 201 1.15 -8.43 8.56
C GLU C 201 2.08 -7.70 7.64
N TYR C 202 3.21 -7.22 8.19
CA TYR C 202 4.14 -6.35 7.47
C TYR C 202 5.53 -6.93 7.59
N VAL C 203 6.19 -7.07 6.45
CA VAL C 203 7.50 -7.74 6.44
C VAL C 203 8.57 -6.83 5.85
N ILE C 204 9.67 -6.64 6.59
CA ILE C 204 10.87 -5.93 6.13
C ILE C 204 12.01 -6.98 6.01
N TYR C 205 13.01 -6.70 5.18
CA TYR C 205 14.06 -7.65 4.90
C TYR C 205 15.40 -7.05 5.24
N ARG C 206 15.36 -5.91 5.94
CA ARG C 206 16.50 -5.13 6.39
C ARG C 206 16.23 -4.72 7.82
N GLY C 207 17.09 -5.17 8.73
CA GLY C 207 16.99 -4.90 10.16
C GLY C 207 16.87 -3.44 10.54
N GLU C 208 17.57 -2.57 9.79
CA GLU C 208 17.63 -1.12 10.00
C GLU C 208 16.35 -0.38 9.57
N GLN C 209 15.38 -1.10 8.96
CA GLN C 209 14.12 -0.51 8.54
C GLN C 209 13.05 -0.47 9.64
N ALA C 210 13.43 -0.80 10.89
CA ALA C 210 12.55 -0.75 12.06
C ALA C 210 13.32 -0.28 13.25
N TYR C 211 12.66 0.48 14.13
CA TYR C 211 13.22 0.97 15.37
C TYR C 211 12.32 0.55 16.57
N PRO C 212 12.85 -0.15 17.60
CA PRO C 212 11.98 -0.61 18.71
C PRO C 212 11.75 0.50 19.74
N GLU C 213 10.90 1.46 19.41
CA GLU C 213 10.62 2.65 20.23
C GLU C 213 10.05 2.46 21.67
N TYR C 214 9.03 1.63 21.80
CA TYR C 214 8.36 1.42 23.08
C TYR C 214 8.36 -0.02 23.48
N LEU C 215 8.66 -0.26 24.72
CA LEU C 215 8.56 -1.59 25.28
C LEU C 215 7.31 -1.60 26.15
N ILE C 216 6.39 -2.50 25.85
CA ILE C 216 5.13 -2.58 26.64
C ILE C 216 5.14 -3.82 27.56
N THR C 217 4.98 -3.59 28.88
CA THR C 217 4.84 -4.69 29.85
C THR C 217 3.38 -4.78 30.20
N TYR C 218 2.81 -5.98 30.01
CA TYR C 218 1.38 -6.19 30.15
C TYR C 218 1.00 -7.61 30.58
N GLN C 219 -0.28 -7.79 30.84
CA GLN C 219 -0.86 -9.09 31.07
C GLN C 219 -2.10 -9.17 30.21
N ILE C 220 -2.38 -10.35 29.65
CA ILE C 220 -3.66 -10.58 28.98
C ILE C 220 -4.64 -10.74 30.16
N MET C 221 -5.87 -10.28 30.03
CA MET C 221 -6.83 -10.38 31.13
C MET C 221 -7.91 -11.40 30.86
N ARG C 222 -8.29 -12.16 31.90
CA ARG C 222 -9.37 -13.14 31.80
C ARG C 222 -10.67 -12.47 31.29
N PRO C 223 -11.34 -12.99 30.24
CA PRO C 223 -12.56 -12.32 29.71
C PRO C 223 -13.63 -11.98 30.76
N ASP D 25 12.56 18.84 -21.17
CA ASP D 25 12.76 18.38 -19.79
C ASP D 25 12.97 16.86 -19.69
N LYS D 26 13.54 16.40 -18.55
CA LYS D 26 13.73 14.96 -18.27
C LYS D 26 12.37 14.38 -17.85
N GLU D 27 11.49 15.27 -17.37
CA GLU D 27 10.12 15.04 -16.94
C GLU D 27 9.32 14.37 -18.09
N PHE D 28 9.41 14.92 -19.32
CA PHE D 28 8.72 14.32 -20.47
C PHE D 28 9.44 13.05 -20.97
N GLN D 29 10.77 12.94 -20.73
CA GLN D 29 11.53 11.77 -21.13
C GLN D 29 11.20 10.57 -20.25
N SER D 30 10.90 10.82 -18.97
CA SER D 30 10.47 9.82 -17.99
C SER D 30 9.05 9.32 -18.37
N VAL D 31 8.16 10.23 -18.78
CA VAL D 31 6.80 9.90 -19.25
C VAL D 31 6.89 9.05 -20.56
N GLU D 32 7.79 9.41 -21.51
CA GLU D 32 7.96 8.62 -22.75
C GLU D 32 8.45 7.21 -22.41
N GLU D 33 9.45 7.12 -21.51
CA GLU D 33 10.00 5.84 -21.06
C GLU D 33 8.92 4.97 -20.44
N GLU D 34 8.15 5.54 -19.46
CA GLU D 34 7.07 4.85 -18.76
C GLU D 34 6.03 4.34 -19.75
N MET D 35 5.67 5.17 -20.73
CA MET D 35 4.74 4.85 -21.82
C MET D 35 5.26 3.62 -22.63
N GLN D 36 6.51 3.68 -23.08
CA GLN D 36 7.12 2.61 -23.89
C GLN D 36 7.41 1.34 -23.12
N SER D 37 8.07 1.47 -21.95
CA SER D 37 8.49 0.31 -21.14
C SER D 37 7.37 -0.50 -20.48
N THR D 38 6.15 0.07 -20.32
CA THR D 38 5.03 -0.64 -19.67
C THR D 38 4.11 -1.43 -20.61
N VAL D 39 4.43 -1.46 -21.91
CA VAL D 39 3.68 -2.24 -22.91
C VAL D 39 3.87 -3.75 -22.62
N ARG D 40 2.76 -4.51 -22.67
CA ARG D 40 2.75 -5.96 -22.48
C ARG D 40 1.93 -6.57 -23.61
N GLU D 41 2.12 -7.87 -23.89
CA GLU D 41 1.32 -8.60 -24.88
C GLU D 41 0.01 -8.90 -24.14
N HIS D 42 -1.15 -8.66 -24.80
CA HIS D 42 -2.47 -8.86 -24.17
C HIS D 42 -3.13 -10.15 -24.62
N ARG D 43 -3.77 -10.84 -23.64
CA ARG D 43 -4.50 -12.10 -23.76
C ARG D 43 -5.54 -12.09 -24.89
N ASP D 44 -6.14 -10.92 -25.18
CA ASP D 44 -7.13 -10.71 -26.24
C ASP D 44 -6.55 -10.67 -27.69
N GLY D 45 -5.24 -10.93 -27.84
CA GLY D 45 -4.54 -10.90 -29.12
C GLY D 45 -4.59 -9.56 -29.83
N GLY D 46 -4.62 -8.48 -29.02
CA GLY D 46 -4.71 -7.10 -29.48
C GLY D 46 -6.08 -6.69 -29.98
N HIS D 47 -7.14 -7.42 -29.57
CA HIS D 47 -8.51 -7.14 -30.01
C HIS D 47 -8.98 -5.73 -29.65
N ALA D 48 -8.84 -5.35 -28.37
CA ALA D 48 -9.25 -4.06 -27.85
C ALA D 48 -8.38 -2.87 -28.27
N GLY D 49 -7.06 -2.98 -28.05
CA GLY D 49 -6.12 -1.91 -28.31
C GLY D 49 -5.41 -1.89 -29.64
N GLY D 50 -5.23 -3.07 -30.24
CA GLY D 50 -4.52 -3.22 -31.50
C GLY D 50 -3.27 -4.04 -31.35
N ILE D 51 -2.62 -4.36 -32.46
CA ILE D 51 -1.38 -5.18 -32.42
C ILE D 51 -0.21 -4.26 -32.52
N PHE D 52 0.69 -4.27 -31.50
CA PHE D 52 1.90 -3.42 -31.46
C PHE D 52 2.81 -3.83 -30.32
N ASN D 53 4.09 -3.45 -30.39
CA ASN D 53 5.05 -3.63 -29.31
C ASN D 53 5.49 -2.26 -28.80
N ARG D 54 5.30 -1.21 -29.64
CA ARG D 54 5.69 0.16 -29.30
C ARG D 54 4.82 1.23 -29.91
N TYR D 55 4.97 2.46 -29.42
CA TYR D 55 4.26 3.62 -29.92
C TYR D 55 5.19 4.56 -30.65
N ASN D 56 4.60 5.44 -31.45
CA ASN D 56 5.27 6.56 -32.04
C ASN D 56 4.73 7.74 -31.20
N ILE D 57 5.51 8.24 -30.24
CA ILE D 57 5.06 9.34 -29.37
C ILE D 57 5.18 10.68 -30.12
N LEU D 58 4.07 11.36 -30.39
CA LEU D 58 4.09 12.63 -31.12
C LEU D 58 4.16 13.86 -30.23
N LYS D 59 3.49 13.82 -29.06
CA LYS D 59 3.47 14.97 -28.15
C LYS D 59 3.21 14.54 -26.70
N ILE D 60 3.83 15.23 -25.75
CA ILE D 60 3.58 15.09 -24.30
C ILE D 60 3.41 16.50 -23.78
N GLN D 61 2.20 16.82 -23.26
CA GLN D 61 1.87 18.15 -22.72
C GLN D 61 1.48 18.07 -21.24
N LYS D 62 2.01 19.02 -20.45
CA LYS D 62 1.66 19.13 -19.05
C LYS D 62 0.36 19.92 -18.95
N VAL D 63 -0.62 19.31 -18.28
CA VAL D 63 -1.94 19.90 -18.01
C VAL D 63 -1.78 20.74 -16.74
N CYS D 64 -2.02 22.06 -16.86
CA CYS D 64 -1.93 23.01 -15.76
C CYS D 64 -3.29 23.63 -15.58
N ASN D 65 -3.98 23.18 -14.55
CA ASN D 65 -5.33 23.56 -14.23
C ASN D 65 -5.37 23.71 -12.70
N LYS D 66 -4.98 24.90 -12.24
CA LYS D 66 -4.84 25.32 -10.84
C LYS D 66 -6.04 24.95 -9.99
N LYS D 67 -7.26 25.09 -10.56
CA LYS D 67 -8.54 24.76 -9.94
C LYS D 67 -8.64 23.24 -9.70
N LEU D 68 -8.32 22.42 -10.72
CA LEU D 68 -8.36 20.96 -10.59
C LEU D 68 -7.29 20.49 -9.63
N TRP D 69 -6.09 21.11 -9.68
CA TRP D 69 -4.99 20.79 -8.79
C TRP D 69 -5.36 21.00 -7.31
N GLU D 70 -5.95 22.16 -6.99
CA GLU D 70 -6.39 22.50 -5.62
C GLU D 70 -7.41 21.44 -5.11
N ARG D 71 -8.35 21.03 -5.95
CA ARG D 71 -9.34 20.02 -5.55
C ARG D 71 -8.61 18.69 -5.29
N TYR D 72 -7.63 18.34 -6.14
CA TYR D 72 -6.82 17.15 -5.98
C TYR D 72 -6.05 17.13 -4.69
N THR D 73 -5.30 18.20 -4.41
CA THR D 73 -4.44 18.32 -3.24
C THR D 73 -5.18 18.49 -1.95
N HIS D 74 -6.45 18.97 -2.01
CA HIS D 74 -7.28 19.08 -0.81
C HIS D 74 -7.69 17.68 -0.35
N ARG D 75 -8.04 16.82 -1.32
CA ARG D 75 -8.42 15.44 -1.05
C ARG D 75 -7.19 14.59 -0.68
N ARG D 76 -6.05 14.82 -1.35
CA ARG D 76 -4.82 14.10 -1.06
C ARG D 76 -4.43 14.20 0.44
N LYS D 77 -4.48 15.44 1.00
CA LYS D 77 -4.19 15.77 2.41
C LYS D 77 -5.15 15.09 3.35
N GLU D 78 -6.42 15.08 2.98
CA GLU D 78 -7.48 14.45 3.75
C GLU D 78 -7.22 12.91 3.78
N VAL D 79 -6.89 12.31 2.64
CA VAL D 79 -6.60 10.87 2.57
C VAL D 79 -5.30 10.60 3.40
N SER D 80 -4.26 11.44 3.23
CA SER D 80 -3.00 11.35 3.98
C SER D 80 -3.28 11.27 5.50
N GLU D 81 -3.97 12.28 6.05
CA GLU D 81 -4.35 12.39 7.46
C GLU D 81 -5.12 11.17 7.94
N GLU D 82 -5.91 10.53 7.06
CA GLU D 82 -6.66 9.32 7.37
C GLU D 82 -5.81 8.07 7.22
N ASN D 83 -4.67 8.14 6.50
CA ASN D 83 -3.86 6.96 6.28
C ASN D 83 -2.46 7.13 6.84
N HIS D 84 -2.37 7.43 8.17
CA HIS D 84 -1.11 7.65 8.89
C HIS D 84 -0.11 8.53 8.10
N ASN D 85 -0.59 9.66 7.55
CA ASN D 85 0.21 10.62 6.80
C ASN D 85 0.92 10.06 5.56
N HIS D 86 0.25 9.12 4.84
CA HIS D 86 0.71 8.47 3.61
C HIS D 86 -0.40 8.47 2.56
N ALA D 87 -0.28 9.43 1.61
CA ALA D 87 -1.26 9.67 0.54
C ALA D 87 -1.36 8.46 -0.38
N ASN D 88 -0.22 7.71 -0.51
CA ASN D 88 -0.01 6.60 -1.40
C ASN D 88 -0.29 7.06 -2.86
N GLU D 89 0.37 8.15 -3.23
CA GLU D 89 0.21 8.69 -4.57
C GLU D 89 0.98 7.89 -5.63
N ARG D 90 0.34 7.63 -6.77
CA ARG D 90 0.99 6.94 -7.90
C ARG D 90 0.72 7.61 -9.23
N MET D 91 1.68 7.48 -10.16
CA MET D 91 1.50 7.96 -11.52
C MET D 91 0.89 6.80 -12.27
N LEU D 92 -0.30 7.02 -12.88
CA LEU D 92 -1.01 5.93 -13.56
C LEU D 92 -1.67 6.36 -14.86
N PHE D 93 -1.73 5.43 -15.82
CA PHE D 93 -2.34 5.72 -17.12
C PHE D 93 -3.86 5.64 -17.06
N HIS D 94 -4.52 6.44 -17.90
CA HIS D 94 -5.96 6.40 -18.07
C HIS D 94 -6.33 6.60 -19.55
N GLY D 95 -7.11 5.66 -20.10
CA GLY D 95 -7.59 5.73 -21.47
C GLY D 95 -9.07 6.00 -21.42
N SER D 96 -9.55 6.95 -22.28
CA SER D 96 -10.94 7.40 -22.33
C SER D 96 -11.29 8.21 -23.58
N PRO D 97 -12.48 8.02 -24.20
CA PRO D 97 -12.90 8.92 -25.30
C PRO D 97 -13.21 10.36 -24.80
N PHE D 98 -13.33 10.54 -23.47
CA PHE D 98 -13.68 11.80 -22.81
C PHE D 98 -12.50 12.53 -22.17
N VAL D 99 -11.28 12.30 -22.70
CA VAL D 99 -10.05 12.94 -22.25
C VAL D 99 -10.18 14.47 -22.28
N ASN D 100 -10.98 15.03 -23.23
CA ASN D 100 -11.17 16.49 -23.32
C ASN D 100 -11.95 17.05 -22.15
N ALA D 101 -13.05 16.39 -21.77
CA ALA D 101 -13.84 16.76 -20.60
C ALA D 101 -13.02 16.64 -19.30
N ILE D 102 -12.25 15.53 -19.16
CA ILE D 102 -11.41 15.25 -17.98
C ILE D 102 -10.46 16.41 -17.72
N ILE D 103 -9.73 16.82 -18.76
CA ILE D 103 -8.76 17.88 -18.69
C ILE D 103 -9.32 19.23 -18.21
N HIS D 104 -10.57 19.55 -18.60
CA HIS D 104 -11.25 20.81 -18.26
C HIS D 104 -12.06 20.75 -16.95
N LYS D 105 -12.79 19.65 -16.73
CA LYS D 105 -13.70 19.43 -15.60
C LYS D 105 -13.15 18.56 -14.47
N GLY D 106 -12.14 17.74 -14.76
CA GLY D 106 -11.57 16.77 -13.85
C GLY D 106 -12.25 15.43 -13.99
N PHE D 107 -11.76 14.41 -13.27
CA PHE D 107 -12.41 13.11 -13.23
C PHE D 107 -13.74 13.24 -12.43
N ASP D 108 -14.77 12.46 -12.79
CA ASP D 108 -16.08 12.53 -12.14
C ASP D 108 -16.62 11.14 -11.87
N GLU D 109 -16.76 10.77 -10.58
CA GLU D 109 -17.30 9.44 -10.22
C GLU D 109 -18.76 9.26 -10.65
N ARG D 110 -19.51 10.37 -10.91
CA ARG D 110 -20.91 10.31 -11.37
C ARG D 110 -21.00 9.82 -12.84
N HIS D 111 -19.85 9.79 -13.53
CA HIS D 111 -19.66 9.33 -14.91
C HIS D 111 -19.01 7.94 -14.97
N ALA D 112 -18.80 7.33 -13.81
CA ALA D 112 -18.32 5.97 -13.65
C ALA D 112 -19.62 5.18 -13.44
N GLY D 115 -20.06 -1.05 -14.89
CA GLY D 115 -19.78 -2.27 -15.65
C GLY D 115 -18.41 -2.87 -15.38
N GLY D 116 -17.56 -2.12 -14.65
CA GLY D 116 -16.23 -2.55 -14.29
C GLY D 116 -16.23 -3.69 -13.30
N MET D 117 -15.16 -4.49 -13.32
CA MET D 117 -14.95 -5.64 -12.44
C MET D 117 -15.06 -5.26 -10.95
N PHE D 118 -14.62 -4.04 -10.60
CA PHE D 118 -14.63 -3.59 -9.22
C PHE D 118 -15.68 -2.53 -8.91
N GLY D 119 -16.68 -2.46 -9.78
CA GLY D 119 -17.82 -1.56 -9.61
C GLY D 119 -17.68 -0.17 -10.21
N ALA D 120 -18.49 0.76 -9.67
CA ALA D 120 -18.63 2.14 -10.14
C ALA D 120 -17.52 3.07 -9.72
N GLY D 121 -16.35 2.82 -10.31
CA GLY D 121 -15.20 3.63 -10.02
C GLY D 121 -14.52 4.12 -11.27
N ILE D 122 -13.45 4.90 -11.08
CA ILE D 122 -12.60 5.42 -12.14
C ILE D 122 -11.34 4.53 -12.16
N TYR D 123 -11.09 3.89 -13.30
CA TYR D 123 -10.06 2.89 -13.52
C TYR D 123 -8.77 3.42 -14.14
N PHE D 124 -7.65 2.95 -13.58
CA PHE D 124 -6.29 3.32 -14.00
C PHE D 124 -5.43 2.09 -14.14
N ALA D 125 -4.43 2.16 -15.04
CA ALA D 125 -3.54 1.03 -15.24
C ALA D 125 -2.11 1.48 -15.11
N GLU D 126 -1.24 0.56 -14.74
CA GLU D 126 0.19 0.87 -14.65
C GLU D 126 0.88 0.50 -15.97
N ASN D 127 0.13 -0.17 -16.89
CA ASN D 127 0.57 -0.56 -18.22
C ASN D 127 -0.16 0.31 -19.24
N SER D 128 0.60 1.16 -19.91
CA SER D 128 0.08 2.10 -20.91
C SER D 128 -0.75 1.36 -21.96
N SER D 129 -0.32 0.14 -22.31
CA SER D 129 -1.02 -0.70 -23.28
C SER D 129 -2.38 -1.17 -22.80
N LYS D 130 -2.59 -1.30 -21.47
CA LYS D 130 -3.92 -1.68 -20.94
C LYS D 130 -4.87 -0.48 -21.08
N SER D 131 -4.39 0.72 -20.77
CA SER D 131 -5.13 1.97 -20.90
C SER D 131 -5.41 2.29 -22.36
N ASN D 132 -4.50 1.87 -23.28
CA ASN D 132 -4.67 1.99 -24.74
C ASN D 132 -5.94 1.22 -25.21
N GLN D 133 -6.33 0.16 -24.49
CA GLN D 133 -7.54 -0.62 -24.81
C GLN D 133 -8.86 0.15 -24.56
N TYR D 134 -8.78 1.35 -23.92
CA TYR D 134 -9.95 2.14 -23.53
C TYR D 134 -10.05 3.52 -24.13
N VAL D 135 -9.05 3.92 -24.93
CA VAL D 135 -8.98 5.19 -25.63
C VAL D 135 -10.23 5.42 -26.53
N TYR D 136 -10.72 4.37 -27.21
CA TYR D 136 -11.93 4.52 -28.04
C TYR D 136 -13.22 3.93 -27.40
N GLY D 137 -13.16 3.58 -26.11
CA GLY D 137 -14.30 3.03 -25.39
C GLY D 137 -14.01 1.69 -24.74
N ILE D 138 -14.98 1.10 -24.01
CA ILE D 138 -14.82 -0.20 -23.32
C ILE D 138 -14.48 -1.27 -24.32
N GLY D 139 -13.32 -1.88 -24.14
CA GLY D 139 -12.76 -2.86 -25.08
C GLY D 139 -12.39 -2.29 -26.44
N GLY D 140 -12.09 -0.99 -26.49
CA GLY D 140 -11.74 -0.29 -27.73
C GLY D 140 -12.92 0.17 -28.57
N GLY D 141 -14.15 -0.09 -28.11
CA GLY D 141 -15.39 0.28 -28.79
C GLY D 141 -15.41 -0.17 -30.24
N THR D 142 -15.71 0.75 -31.16
CA THR D 142 -15.69 0.48 -32.60
C THR D 142 -14.34 0.92 -33.24
N GLY D 143 -13.38 1.28 -32.40
CA GLY D 143 -12.07 1.74 -32.85
C GLY D 143 -12.09 3.20 -33.27
N CYS D 144 -11.11 3.64 -34.06
CA CYS D 144 -11.00 5.04 -34.48
C CYS D 144 -12.24 5.59 -35.19
N PRO D 145 -12.64 6.86 -34.95
CA PRO D 145 -13.82 7.40 -35.67
C PRO D 145 -13.72 7.46 -37.20
N VAL D 146 -12.47 7.52 -37.78
CA VAL D 146 -12.33 7.63 -39.23
C VAL D 146 -12.41 6.28 -39.97
N HIS D 147 -11.63 5.29 -39.55
CA HIS D 147 -11.58 3.98 -40.19
C HIS D 147 -12.35 2.87 -39.46
N LYS D 148 -13.03 3.20 -38.32
CA LYS D 148 -13.78 2.24 -37.45
C LYS D 148 -12.95 0.97 -37.19
N ASP D 149 -11.64 1.19 -36.95
CA ASP D 149 -10.59 0.20 -36.75
C ASP D 149 -9.92 0.36 -35.36
N ARG D 150 -9.82 -0.76 -34.61
CA ARG D 150 -9.27 -0.83 -33.26
C ARG D 150 -7.74 -0.93 -33.24
N SER D 151 -7.18 -1.46 -34.34
CA SER D 151 -5.73 -1.55 -34.51
C SER D 151 -5.19 -0.44 -35.42
N CYS D 152 -5.97 0.63 -35.68
CA CYS D 152 -5.53 1.73 -36.55
C CYS D 152 -4.16 2.25 -36.19
N TYR D 153 -3.25 2.30 -37.18
CA TYR D 153 -1.90 2.81 -37.04
C TYR D 153 -1.83 4.24 -37.59
N ILE D 154 -2.92 4.70 -38.17
CA ILE D 154 -2.98 6.00 -38.82
C ILE D 154 -3.41 7.04 -37.84
N CYS D 155 -4.59 6.83 -37.25
CA CYS D 155 -5.18 7.76 -36.31
C CYS D 155 -4.39 7.92 -35.03
N HIS D 156 -4.18 9.20 -34.71
CA HIS D 156 -3.43 9.66 -33.54
C HIS D 156 -4.33 9.51 -32.34
N ARG D 157 -3.81 8.83 -31.33
CA ARG D 157 -4.55 8.55 -30.11
C ARG D 157 -4.10 9.48 -29.00
N GLN D 158 -4.93 9.58 -27.96
CA GLN D 158 -4.62 10.36 -26.78
C GLN D 158 -4.85 9.51 -25.55
N LEU D 159 -3.98 9.68 -24.57
CA LEU D 159 -3.96 8.96 -23.30
C LEU D 159 -3.51 9.96 -22.20
N LEU D 160 -3.98 9.77 -20.98
CA LEU D 160 -3.58 10.59 -19.83
C LEU D 160 -2.65 9.77 -18.93
N PHE D 161 -1.70 10.45 -18.28
CA PHE D 161 -0.76 9.86 -17.32
C PHE D 161 -0.98 10.69 -16.09
N CYS D 162 -1.70 10.10 -15.13
CA CYS D 162 -2.31 10.74 -13.97
C CYS D 162 -1.66 10.57 -12.65
N ARG D 163 -1.82 11.59 -11.81
CA ARG D 163 -1.44 11.56 -10.42
C ARG D 163 -2.69 11.03 -9.66
N VAL D 164 -2.60 9.81 -9.11
CA VAL D 164 -3.70 9.09 -8.44
C VAL D 164 -3.40 8.87 -6.97
N THR D 165 -4.33 9.32 -6.08
CA THR D 165 -4.21 9.10 -4.64
C THR D 165 -4.88 7.78 -4.32
N LEU D 166 -4.08 6.81 -3.88
CA LEU D 166 -4.59 5.47 -3.57
C LEU D 166 -4.99 5.29 -2.11
N GLY D 167 -4.29 5.99 -1.19
CA GLY D 167 -4.51 5.87 0.25
C GLY D 167 -4.29 4.44 0.68
N LYS D 168 -5.17 3.92 1.56
CA LYS D 168 -5.11 2.53 1.91
C LYS D 168 -5.89 1.83 0.81
N SER D 169 -5.20 1.07 -0.02
CA SER D 169 -5.80 0.42 -1.18
C SER D 169 -6.19 -0.99 -0.85
N PHE D 170 -7.47 -1.33 -1.13
CA PHE D 170 -8.00 -2.65 -0.86
C PHE D 170 -7.50 -3.60 -1.91
N LEU D 171 -6.90 -4.71 -1.47
CA LEU D 171 -6.42 -5.69 -2.42
C LEU D 171 -7.50 -6.68 -2.83
N GLN D 172 -7.76 -6.81 -4.15
CA GLN D 172 -8.79 -7.74 -4.63
C GLN D 172 -8.43 -8.41 -5.96
N PHE D 173 -8.74 -9.72 -6.08
CA PHE D 173 -8.50 -10.52 -7.29
C PHE D 173 -9.81 -10.88 -8.02
N SER D 174 -10.89 -11.19 -7.29
CA SER D 174 -12.17 -11.56 -7.89
C SER D 174 -13.09 -10.35 -8.03
N ALA D 175 -14.03 -10.41 -8.99
CA ALA D 175 -15.01 -9.35 -9.27
C ALA D 175 -15.77 -8.98 -8.00
N MET D 176 -15.72 -7.69 -7.63
CA MET D 176 -16.39 -7.20 -6.43
C MET D 176 -17.00 -5.88 -6.88
N LYS D 177 -18.28 -5.91 -7.30
CA LYS D 177 -19.00 -4.72 -7.79
C LYS D 177 -19.31 -3.79 -6.64
N MET D 178 -18.45 -2.79 -6.42
CA MET D 178 -18.59 -1.86 -5.31
C MET D 178 -19.08 -0.52 -5.84
N ALA D 179 -19.73 0.26 -4.97
CA ALA D 179 -20.17 1.61 -5.31
C ALA D 179 -19.14 2.61 -4.79
N HIS D 180 -18.56 2.31 -3.62
CA HIS D 180 -17.57 3.16 -2.92
C HIS D 180 -16.44 2.29 -2.52
N SER D 181 -15.34 2.88 -2.00
CA SER D 181 -14.21 2.10 -1.49
C SER D 181 -14.70 1.23 -0.30
N PRO D 182 -14.10 0.03 -0.05
CA PRO D 182 -14.50 -0.74 1.14
C PRO D 182 -14.26 0.11 2.40
N PRO D 183 -14.98 -0.16 3.51
CA PRO D 183 -14.74 0.63 4.73
C PRO D 183 -13.26 0.66 5.12
N GLY D 184 -12.80 1.81 5.62
CA GLY D 184 -11.40 2.02 6.00
C GLY D 184 -10.42 2.14 4.82
N HIS D 185 -10.93 2.11 3.55
CA HIS D 185 -10.06 2.15 2.34
C HIS D 185 -10.36 3.37 1.48
N HIS D 186 -9.40 3.78 0.63
CA HIS D 186 -9.54 4.97 -0.24
C HIS D 186 -9.44 4.63 -1.70
N SER D 187 -9.28 3.31 -2.00
CA SER D 187 -9.22 2.75 -3.36
C SER D 187 -9.23 1.24 -3.33
N VAL D 188 -9.11 0.65 -4.53
CA VAL D 188 -9.03 -0.80 -4.73
C VAL D 188 -7.85 -1.09 -5.68
N THR D 189 -6.95 -2.01 -5.29
CA THR D 189 -5.90 -2.50 -6.22
C THR D 189 -6.40 -3.87 -6.70
N GLY D 190 -6.57 -4.03 -8.00
CA GLY D 190 -6.95 -5.29 -8.60
C GLY D 190 -5.71 -6.05 -9.08
N ARG D 191 -5.49 -7.29 -8.59
CA ARG D 191 -4.35 -8.12 -9.01
C ARG D 191 -4.75 -9.25 -10.00
N PRO D 192 -3.88 -9.63 -10.97
CA PRO D 192 -4.27 -10.64 -11.98
C PRO D 192 -4.99 -11.93 -11.57
N LEU D 197 -8.63 -11.71 -14.35
CA LEU D 197 -7.83 -10.51 -14.57
C LEU D 197 -6.45 -10.85 -15.14
N ALA D 198 -6.04 -10.15 -16.23
CA ALA D 198 -4.75 -10.39 -16.89
C ALA D 198 -3.64 -9.50 -16.31
N LEU D 199 -3.90 -8.18 -16.17
CA LEU D 199 -2.92 -7.22 -15.63
C LEU D 199 -3.51 -6.43 -14.46
N ALA D 200 -2.67 -5.71 -13.70
CA ALA D 200 -3.14 -4.90 -12.56
C ALA D 200 -3.98 -3.69 -13.01
N GLU D 201 -4.90 -3.29 -12.14
CA GLU D 201 -5.73 -2.10 -12.30
C GLU D 201 -6.00 -1.48 -10.94
N TYR D 202 -6.23 -0.16 -10.92
CA TYR D 202 -6.43 0.61 -9.69
C TYR D 202 -7.69 1.42 -9.88
N VAL D 203 -8.58 1.35 -8.90
CA VAL D 203 -9.90 1.98 -8.94
C VAL D 203 -10.10 3.00 -7.82
N ILE D 204 -10.53 4.24 -8.18
CA ILE D 204 -10.94 5.25 -7.21
C ILE D 204 -12.47 5.41 -7.35
N TYR D 205 -13.11 5.94 -6.32
CA TYR D 205 -14.54 6.12 -6.29
C TYR D 205 -14.92 7.56 -6.02
N ARG D 206 -13.93 8.47 -6.07
CA ARG D 206 -14.06 9.91 -5.90
C ARG D 206 -13.21 10.53 -6.99
N GLY D 207 -13.82 11.32 -7.86
CA GLY D 207 -13.12 11.96 -8.98
C GLY D 207 -11.94 12.81 -8.55
N GLU D 208 -12.07 13.50 -7.40
CA GLU D 208 -11.07 14.38 -6.84
C GLU D 208 -9.77 13.65 -6.35
N GLN D 209 -9.73 12.31 -6.44
CA GLN D 209 -8.55 11.50 -6.08
C GLN D 209 -7.55 11.29 -7.24
N ALA D 210 -7.81 11.90 -8.42
CA ALA D 210 -6.92 11.88 -9.59
C ALA D 210 -6.81 13.26 -10.21
N TYR D 211 -5.63 13.54 -10.76
CA TYR D 211 -5.36 14.77 -11.47
C TYR D 211 -4.79 14.40 -12.86
N PRO D 212 -5.39 14.87 -13.99
CA PRO D 212 -4.84 14.48 -15.32
C PRO D 212 -3.58 15.29 -15.62
N GLU D 213 -2.43 14.80 -15.17
CA GLU D 213 -1.16 15.52 -15.26
C GLU D 213 -0.51 15.70 -16.65
N TYR D 214 -0.43 14.64 -17.45
CA TYR D 214 0.14 14.72 -18.80
C TYR D 214 -0.79 14.18 -19.86
N LEU D 215 -0.89 14.94 -20.98
CA LEU D 215 -1.65 14.51 -22.13
C LEU D 215 -0.63 14.00 -23.17
N ILE D 216 -0.70 12.70 -23.50
CA ILE D 216 0.18 12.01 -24.45
C ILE D 216 -0.58 11.77 -25.77
N THR D 217 0.00 12.28 -26.89
CA THR D 217 -0.49 12.13 -28.26
C THR D 217 0.45 11.10 -28.89
N TYR D 218 -0.11 10.02 -29.42
CA TYR D 218 0.72 8.94 -29.95
C TYR D 218 -0.01 8.09 -30.98
N GLN D 219 0.72 7.12 -31.52
CA GLN D 219 0.16 6.13 -32.42
C GLN D 219 0.75 4.81 -31.99
N ILE D 220 -0.03 3.73 -32.09
CA ILE D 220 0.52 2.37 -31.87
C ILE D 220 1.29 2.06 -33.19
N MET D 221 2.46 1.41 -33.11
CA MET D 221 3.22 1.13 -34.33
C MET D 221 3.08 -0.33 -34.77
N ARG D 222 2.86 -0.58 -36.09
CA ARG D 222 2.79 -1.92 -36.68
C ARG D 222 4.09 -2.63 -36.34
N PRO D 223 4.07 -3.85 -35.78
CA PRO D 223 5.34 -4.50 -35.42
C PRO D 223 6.13 -5.00 -36.62
ZN ZN E . 28.97 -11.71 -31.26
OAC 33E F . 31.31 -13.98 -10.24
NAM 33E F . 30.35 -13.39 -10.97
OAD 33E F . 30.75 -12.34 -11.72
CAL 33E F . 29.07 -13.83 -10.92
CAH 33E F . 28.01 -13.02 -11.38
CAJ 33E F . 28.80 -15.11 -10.40
IAE 33E F . 30.29 -16.40 -9.62
CAF 33E F . 27.48 -15.58 -10.31
CAG 33E F . 26.42 -14.80 -10.77
CAK 33E F . 26.69 -13.53 -11.31
CAI 33E F . 25.48 -12.72 -11.78
OAB 33E F . 25.56 -11.90 -12.71
NAA 33E F . 24.36 -13.01 -11.13
OAC 33E G . 22.16 -6.03 -11.61
NAM 33E G . 20.93 -6.55 -11.56
OAD 33E G . 20.79 -7.89 -11.38
CAL 33E G . 19.87 -5.80 -11.89
CAH 33E G . 18.93 -6.44 -12.72
CAJ 33E G . 19.69 -4.45 -11.54
IAE 33E G . 21.02 -3.32 -10.33
CAF 33E G . 18.54 -3.78 -12.00
CAG 33E G . 17.62 -4.44 -12.83
CAK 33E G . 17.80 -5.78 -13.18
CAI 33E G . 16.76 -6.58 -14.01
OAB 33E G . 15.87 -6.02 -14.63
NAA 33E G . 16.88 -7.91 -13.92
OAC 33E H . 32.14 10.18 -6.67
NAM 33E H . 32.68 8.96 -6.83
OAD 33E H . 31.96 8.11 -7.59
CAL 33E H . 33.86 8.57 -6.29
CAH 33E H . 34.43 7.39 -6.79
CAJ 33E H . 34.56 9.24 -5.27
IAE 33E H . 33.94 11.04 -4.36
CAF 33E H . 35.79 8.76 -4.78
CAG 33E H . 36.33 7.60 -5.30
CAK 33E H . 35.65 6.91 -6.31
CAI 33E H . 36.26 5.62 -6.86
OAB 33E H . 37.12 5.02 -6.22
NAA 33E H . 35.80 5.23 -8.04
C1 IPA I . 23.89 -8.24 -10.53
C2 IPA I . 23.52 -8.27 -9.04
C3 IPA I . 22.83 -6.98 -8.48
O2 IPA I . 22.87 -9.53 -8.70
C1 IPA J . 39.56 -19.83 -20.26
C2 IPA J . 38.82 -21.03 -20.91
C3 IPA J . 39.46 -21.53 -22.21
O2 IPA J . 38.67 -22.10 -19.98
ZN ZN K . -36.20 -2.79 25.49
OAC 33E L . -22.24 5.47 8.91
NAM 33E L . -22.31 4.29 9.58
OAD 33E L . -23.51 3.66 9.59
CAL 33E L . -21.24 3.68 10.11
CAH 33E L . -21.31 2.29 10.28
CAJ 33E L . -20.05 4.36 10.49
IAE 33E L . -19.76 6.44 10.31
CAF 33E L . -19.00 3.62 11.04
CAG 33E L . -19.08 2.24 11.21
CAK 33E L . -20.23 1.56 10.81
CAI 33E L . -20.30 0.02 10.94
OAB 33E L . -19.47 -0.61 11.60
NAA 33E L . -21.26 -0.56 10.22
OAC 33E M . -34.09 7.95 7.08
NAM 33E M . -33.39 7.04 7.79
OAD 33E M . -33.13 7.35 9.07
CAL 33E M . -32.89 5.95 7.21
CAH 33E M . -31.71 5.39 7.73
CAJ 33E M . -33.47 5.38 6.05
IAE 33E M . -35.19 6.17 5.09
CAF 33E M . -32.88 4.27 5.44
CAG 33E M . -31.70 3.72 5.96
CAK 33E M . -31.14 4.28 7.11
CAI 33E M . -29.87 3.63 7.66
OAB 33E M . -29.61 3.61 8.87
NAA 33E M . -29.07 3.15 6.71
C1 IPA N . -37.97 3.25 1.62
C2 IPA N . -36.81 2.24 1.59
C3 IPA N . -35.47 2.87 1.13
O2 IPA N . -37.15 1.13 0.76
ZN ZN O . 2.64 -17.96 33.87
OAC 33E P . 3.87 -9.92 14.17
NAM 33E P . 4.79 -10.52 14.92
OAD 33E P . 5.00 -9.98 16.12
CAL 33E P . 5.47 -11.57 14.45
CAH 33E P . 6.71 -11.90 15.06
CAJ 33E P . 4.98 -12.35 13.37
IAE 33E P . 3.19 -11.91 12.28
CAF 33E P . 5.72 -13.42 12.90
CAG 33E P . 6.95 -13.75 13.49
CAK 33E P . 7.43 -13.02 14.56
CAI 33E P . 8.82 -13.44 15.10
OAB 33E P . 9.69 -13.81 14.31
NAA 33E P . 9.02 -13.29 16.42
OAC 33E Q . 15.65 -10.51 17.20
NAM 33E Q . 16.17 -11.73 16.97
OAD 33E Q . 15.38 -12.67 16.39
CAL 33E Q . 17.37 -12.04 17.45
CAH 33E Q . 17.54 -13.38 17.82
CAJ 33E Q . 18.42 -11.10 17.69
IAE 33E Q . 18.29 -9.04 17.21
CAF 33E Q . 19.62 -11.57 18.23
CAG 33E Q . 19.78 -12.92 18.57
CAK 33E Q . 18.73 -13.82 18.38
CAI 33E Q . 18.89 -15.31 18.70
OAB 33E Q . 19.88 -15.70 19.33
NAA 33E Q . 17.94 -16.11 18.22
C1 IPA R . 15.11 -9.76 14.44
C2 IPA R . 13.80 -10.53 14.25
C3 IPA R . 12.95 -10.76 15.53
O2 IPA R . 13.98 -11.71 13.45
ZN ZN S . -7.97 5.42 -38.05
OAC 33E T . -7.28 1.65 -17.09
NAM 33E T . -8.13 2.33 -17.88
OAD 33E T . -7.56 3.32 -18.63
CAL 33E T . -9.47 2.09 -17.90
CAH 33E T . -10.35 3.09 -18.32
CAJ 33E T . -10.02 0.85 -17.50
IAE 33E T . -8.81 -0.74 -16.77
CAF 33E T . -11.41 0.63 -17.50
CAG 33E T . -12.28 1.67 -17.89
CAK 33E T . -11.74 2.89 -18.32
CAI 33E T . -12.67 4.01 -18.80
OAB 33E T . -12.47 4.60 -19.86
NAA 33E T . -13.69 4.29 -18.00
OAC 33E U . -14.61 11.22 -17.68
NAM 33E U . -15.92 11.01 -17.95
OAD 33E U . -16.34 9.71 -17.92
CAL 33E U . -16.76 11.99 -18.34
CAH 33E U . -17.78 11.64 -19.24
CAJ 33E U . -16.69 13.34 -17.91
IAE 33E U . -15.26 14.11 -16.56
CAF 33E U . -17.63 14.27 -18.38
CAG 33E U . -18.63 13.89 -19.26
CAK 33E U . -18.73 12.57 -19.69
CAI 33E U . -19.87 12.12 -20.65
OAB 33E U . -20.06 10.92 -20.90
NAA 33E U . -20.67 13.09 -21.08
OAC 33E V . -1.80 24.07 -11.42
NAM 33E V . -1.20 22.88 -11.59
OAD 33E V . -1.63 22.12 -12.63
CAL 33E V . -0.20 22.44 -10.81
CAH 33E V . 0.32 21.18 -11.11
CAJ 33E V . 0.34 23.14 -9.70
IAE 33E V . -0.36 25.03 -9.13
CAF 33E V . 1.38 22.58 -8.95
CAG 33E V . 1.89 21.32 -9.27
CAK 33E V . 1.34 20.61 -10.34
CAI 33E V . 1.81 19.22 -10.76
OAB 33E V . 1.18 18.62 -11.63
NAA 33E V . 2.87 18.72 -10.13
#